data_6WUQ
#
_entry.id   6WUQ
#
_cell.length_a   128.777
_cell.length_b   128.777
_cell.length_c   101.449
_cell.angle_alpha   90.000
_cell.angle_beta   90.000
_cell.angle_gamma   120.000
#
_symmetry.space_group_name_H-M   'P 31 2 1'
#
loop_
_entity.id
_entity.type
_entity.pdbx_description
1 polymer AjiA1
2 non-polymer 'ZINC ION'
3 non-polymer 'MAGNESIUM ION'
4 water water
#
_entity_poly.entity_id   1
_entity_poly.type   'polypeptide(L)'
_entity_poly.pdbx_seq_one_letter_code
;MSWSRPEPGDWSSPAELAELQRARLPQVIAQALRSPFYAARYEGRTPPRTADDFAGVELTTKQDLRDQYPFGMLAVERER
LATYHESSGTAGDPTASYYTQEDWTDLAERFARKWTGIHPSDTFLVRTPYGLVITGHLAQAAGRLRGATVVPGDARSLAT
PLSRMVRVLKSLDVTLTWCNPTEITMLAAAAKAAGLRPDRDFPALRAMFTAAEPLTEVRRRRLSEIWGGVPVVEEYGSTE
TGTIAGQCPEGRMHLWADRAVFEVYDPATGELSEAGRGQMVVTPLYRDAMPLLRYNLADEVEVSTDPCPCGWLLPTVTVL
GRAGTEHTVGSATVTQQRLEELVFSLPAAYEVMFWRAKAHPDVLHLQFEAPDATREQAAKELGAALDRELGVPHRIEGLP
LGTLVPTEALTARRDILKARYLFAEGEDWDKAIMYF
;
_entity_poly.pdbx_strand_id   A,B
#
# COMPACT_ATOMS: atom_id res chain seq x y z
N SER A 4 28.83 11.03 -7.54
CA SER A 4 27.77 10.08 -7.87
C SER A 4 26.82 10.65 -8.93
N ARG A 5 25.54 10.97 -8.52
CA ARG A 5 24.58 11.51 -9.47
C ARG A 5 24.56 13.04 -9.40
N PRO A 6 24.40 13.71 -10.53
CA PRO A 6 24.45 15.17 -10.55
C PRO A 6 23.26 15.79 -9.83
N GLU A 7 23.47 16.99 -9.32
CA GLU A 7 22.41 17.78 -8.72
C GLU A 7 22.39 19.16 -9.37
N PRO A 8 21.23 19.84 -9.38
CA PRO A 8 21.21 21.22 -9.87
C PRO A 8 22.32 22.02 -9.21
N GLY A 9 23.02 22.80 -10.04
CA GLY A 9 24.22 23.48 -9.61
C GLY A 9 25.51 22.82 -10.07
N ASP A 10 25.44 21.60 -10.61
CA ASP A 10 26.61 20.89 -11.10
C ASP A 10 26.87 21.13 -12.57
N TRP A 11 26.03 21.91 -13.23
CA TRP A 11 26.27 22.33 -14.60
C TRP A 11 25.77 23.76 -14.74
N SER A 12 26.41 24.54 -15.61
CA SER A 12 26.10 25.94 -15.71
C SER A 12 25.59 26.36 -17.08
N SER A 13 25.37 25.42 -17.98
CA SER A 13 25.02 25.76 -19.36
C SER A 13 24.48 24.51 -20.02
N PRO A 14 23.78 24.66 -21.15
CA PRO A 14 23.39 23.45 -21.91
C PRO A 14 24.59 22.61 -22.33
N ALA A 15 25.72 23.24 -22.65
CA ALA A 15 26.88 22.47 -23.06
C ALA A 15 27.39 21.56 -21.94
N GLU A 16 27.49 22.08 -20.72
CA GLU A 16 27.97 21.24 -19.61
C GLU A 16 26.99 20.11 -19.30
N LEU A 17 25.68 20.39 -19.38
CA LEU A 17 24.68 19.34 -19.18
C LEU A 17 24.84 18.22 -20.19
N ALA A 18 24.95 18.58 -21.48
CA ALA A 18 25.17 17.56 -22.51
C ALA A 18 26.42 16.75 -22.25
N GLU A 19 27.49 17.42 -21.79
CA GLU A 19 28.71 16.70 -21.44
C GLU A 19 28.46 15.73 -20.29
N LEU A 20 27.66 16.13 -19.29
CA LEU A 20 27.31 15.21 -18.22
C LEU A 20 26.57 13.98 -18.75
N GLN A 21 25.66 14.17 -19.73
CA GLN A 21 24.94 13.04 -20.30
C GLN A 21 25.86 12.14 -21.10
N ARG A 22 26.60 12.72 -22.07
CA ARG A 22 27.41 11.89 -22.95
CA ARG A 22 27.43 11.91 -22.96
C ARG A 22 28.51 11.15 -22.18
N ALA A 23 28.99 11.70 -21.08
CA ALA A 23 29.98 11.00 -20.26
C ALA A 23 29.40 9.73 -19.66
N ARG A 24 28.09 9.73 -19.39
CA ARG A 24 27.41 8.63 -18.73
C ARG A 24 26.89 7.59 -19.71
N LEU A 25 26.58 7.98 -20.94
CA LEU A 25 26.00 7.06 -21.92
C LEU A 25 26.78 5.77 -22.10
N PRO A 26 28.11 5.78 -22.25
CA PRO A 26 28.82 4.50 -22.44
C PRO A 26 28.52 3.47 -21.36
N GLN A 27 28.53 3.88 -20.09
CA GLN A 27 28.19 2.92 -19.03
C GLN A 27 26.74 2.47 -19.13
N VAL A 28 25.83 3.39 -19.48
CA VAL A 28 24.43 3.02 -19.66
C VAL A 28 24.30 1.97 -20.75
N ILE A 29 25.02 2.15 -21.85
CA ILE A 29 24.91 1.21 -22.97
C ILE A 29 25.42 -0.16 -22.55
N ALA A 30 26.60 -0.21 -21.90
CA ALA A 30 27.17 -1.50 -21.54
C ALA A 30 26.30 -2.22 -20.51
N GLN A 31 25.71 -1.46 -19.59
CA GLN A 31 24.77 -2.04 -18.64
C GLN A 31 23.55 -2.61 -19.35
N ALA A 32 23.00 -1.86 -20.31
CA ALA A 32 21.79 -2.27 -21.03
C ALA A 32 21.99 -3.59 -21.77
N LEU A 33 23.15 -3.78 -22.39
CA LEU A 33 23.34 -4.96 -23.22
C LEU A 33 23.49 -6.24 -22.41
N ARG A 34 23.48 -6.15 -21.07
CA ARG A 34 23.48 -7.33 -20.21
C ARG A 34 22.09 -7.95 -20.08
N SER A 35 21.03 -7.23 -20.41
CA SER A 35 19.74 -7.86 -20.28
C SER A 35 19.47 -8.77 -21.46
N PRO A 36 18.66 -9.81 -21.27
CA PRO A 36 18.35 -10.73 -22.39
C PRO A 36 17.77 -10.01 -23.59
N PHE A 37 16.91 -9.02 -23.37
CA PHE A 37 16.28 -8.31 -24.48
C PHE A 37 17.32 -7.61 -25.34
N TYR A 38 18.18 -6.80 -24.75
CA TYR A 38 19.13 -6.06 -25.57
C TYR A 38 20.26 -6.97 -26.07
N ALA A 39 20.58 -8.04 -25.34
CA ALA A 39 21.55 -8.99 -25.85
C ALA A 39 21.03 -9.68 -27.10
N ALA A 40 19.74 -10.03 -27.13
CA ALA A 40 19.15 -10.67 -28.30
C ALA A 40 18.99 -9.68 -29.45
N ARG A 41 18.73 -8.41 -29.14
CA ARG A 41 18.60 -7.45 -30.23
C ARG A 41 19.90 -7.32 -31.01
N TYR A 42 21.05 -7.49 -30.33
CA TYR A 42 22.34 -7.30 -30.98
C TYR A 42 23.11 -8.61 -31.20
N GLU A 43 22.44 -9.76 -31.05
CA GLU A 43 23.12 -11.05 -31.16
C GLU A 43 23.74 -11.21 -32.54
N GLY A 44 25.02 -11.57 -32.56
CA GLY A 44 25.76 -11.65 -33.82
C GLY A 44 26.25 -10.31 -34.34
N ARG A 45 25.37 -9.33 -34.39
CA ARG A 45 25.73 -7.99 -34.84
C ARG A 45 26.72 -7.34 -33.87
N THR A 46 27.37 -6.28 -34.33
CA THR A 46 28.25 -5.50 -33.49
C THR A 46 27.44 -4.64 -32.54
N PRO A 47 27.84 -4.53 -31.27
CA PRO A 47 27.04 -3.79 -30.28
C PRO A 47 27.43 -2.32 -30.25
N PRO A 48 26.50 -1.43 -29.88
CA PRO A 48 26.88 -0.04 -29.59
C PRO A 48 27.78 0.01 -28.35
N ARG A 49 28.67 0.99 -28.33
CA ARG A 49 29.59 1.13 -27.22
CA ARG A 49 29.59 1.13 -27.22
C ARG A 49 29.80 2.59 -26.83
N THR A 50 29.83 3.48 -27.82
CA THR A 50 30.15 4.87 -27.56
C THR A 50 28.90 5.73 -27.55
N ALA A 51 29.08 6.98 -27.12
CA ALA A 51 27.98 7.93 -27.16
C ALA A 51 27.59 8.27 -28.59
N ASP A 52 28.55 8.26 -29.53
CA ASP A 52 28.20 8.49 -30.92
C ASP A 52 27.44 7.30 -31.51
N ASP A 53 27.75 6.09 -31.04
CA ASP A 53 26.96 4.91 -31.40
C ASP A 53 25.50 5.05 -30.98
N PHE A 54 25.24 5.79 -29.89
CA PHE A 54 23.88 5.85 -29.36
C PHE A 54 22.89 6.35 -30.41
N ALA A 55 23.36 7.14 -31.38
CA ALA A 55 22.46 7.74 -32.35
C ALA A 55 21.77 6.71 -33.23
N GLY A 56 22.36 5.53 -33.40
CA GLY A 56 21.80 4.51 -34.25
C GLY A 56 20.87 3.55 -33.56
N VAL A 57 20.64 3.74 -32.27
CA VAL A 57 19.85 2.80 -31.49
C VAL A 57 18.37 2.94 -31.85
N GLU A 58 17.76 1.81 -32.12
CA GLU A 58 16.34 1.64 -32.37
C GLU A 58 15.55 1.90 -31.09
N LEU A 59 14.28 2.27 -31.24
CA LEU A 59 13.44 2.54 -30.09
C LEU A 59 13.12 1.26 -29.33
N THR A 60 12.77 1.42 -28.07
CA THR A 60 12.16 0.37 -27.26
C THR A 60 10.71 0.78 -26.95
N THR A 61 9.77 -0.15 -27.08
CA THR A 61 8.37 0.21 -27.02
C THR A 61 7.70 -0.40 -25.79
N LYS A 62 6.51 0.13 -25.48
CA LYS A 62 5.68 -0.48 -24.45
C LYS A 62 5.43 -1.96 -24.76
N GLN A 63 5.20 -2.28 -26.03
CA GLN A 63 4.92 -3.68 -26.37
C GLN A 63 6.11 -4.57 -26.03
N ASP A 64 7.33 -4.09 -26.32
CA ASP A 64 8.53 -4.85 -25.94
C ASP A 64 8.54 -5.14 -24.45
N LEU A 65 8.35 -4.10 -23.63
CA LEU A 65 8.35 -4.30 -22.18
C LEU A 65 7.32 -5.34 -21.77
N ARG A 66 6.13 -5.31 -22.37
CA ARG A 66 5.10 -6.31 -22.06
C ARG A 66 5.51 -7.70 -22.53
N ASP A 67 6.19 -7.80 -23.68
CA ASP A 67 6.64 -9.07 -24.22
C ASP A 67 7.72 -9.71 -23.36
N GLN A 68 8.43 -8.93 -22.56
CA GLN A 68 9.53 -9.44 -21.73
C GLN A 68 9.09 -9.83 -20.32
N TYR A 69 7.79 -9.84 -20.04
CA TYR A 69 7.29 -10.28 -18.74
C TYR A 69 7.80 -11.68 -18.39
N PRO A 70 8.37 -11.85 -17.19
CA PRO A 70 8.59 -10.80 -16.19
C PRO A 70 9.98 -10.15 -16.24
N PHE A 71 11.03 -10.91 -16.58
CA PHE A 71 12.40 -10.45 -16.37
C PHE A 71 13.23 -10.45 -17.65
N GLY A 72 12.59 -10.25 -18.79
CA GLY A 72 13.34 -10.10 -20.04
C GLY A 72 14.27 -8.89 -20.08
N MET A 73 13.98 -7.84 -19.31
CA MET A 73 14.79 -6.61 -19.32
C MET A 73 15.81 -6.56 -18.18
N LEU A 74 15.93 -7.63 -17.38
CA LEU A 74 16.76 -7.60 -16.18
C LEU A 74 18.24 -7.63 -16.55
N ALA A 75 19.02 -6.76 -15.93
CA ALA A 75 20.45 -6.69 -16.21
C ALA A 75 21.32 -6.85 -14.97
N VAL A 76 20.75 -7.28 -13.85
CA VAL A 76 21.52 -7.58 -12.65
C VAL A 76 21.00 -8.90 -12.09
N GLU A 77 21.83 -9.52 -11.25
CA GLU A 77 21.39 -10.70 -10.52
C GLU A 77 20.20 -10.34 -9.64
N ARG A 78 19.29 -11.31 -9.46
CA ARG A 78 18.09 -11.08 -8.66
C ARG A 78 18.42 -10.61 -7.25
N GLU A 79 19.54 -11.08 -6.67
CA GLU A 79 19.86 -10.68 -5.30
C GLU A 79 20.00 -9.17 -5.18
N ARG A 80 20.38 -8.48 -6.25
CA ARG A 80 20.59 -7.04 -6.19
C ARG A 80 19.29 -6.23 -6.27
N LEU A 81 18.17 -6.86 -6.60
CA LEU A 81 16.92 -6.13 -6.66
C LEU A 81 16.43 -5.77 -5.26
N ALA A 82 15.90 -4.56 -5.15
CA ALA A 82 15.25 -4.08 -3.94
C ALA A 82 13.75 -4.30 -4.00
N THR A 83 13.11 -3.90 -5.10
CA THR A 83 11.66 -4.01 -5.20
C THR A 83 11.29 -4.43 -6.62
N TYR A 84 10.07 -4.95 -6.75
CA TYR A 84 9.51 -5.34 -8.02
C TYR A 84 8.13 -4.74 -8.14
N HIS A 85 7.75 -4.35 -9.35
CA HIS A 85 6.50 -3.63 -9.55
C HIS A 85 5.91 -4.06 -10.88
N GLU A 86 4.61 -3.87 -11.03
CA GLU A 86 4.03 -4.05 -12.35
C GLU A 86 2.82 -3.15 -12.45
N SER A 87 2.48 -2.77 -13.68
CA SER A 87 1.25 -2.06 -13.96
C SER A 87 0.48 -2.89 -14.96
N SER A 88 -0.81 -3.08 -14.69
CA SER A 88 -1.67 -3.86 -15.57
C SER A 88 -2.24 -2.93 -16.64
N GLY A 89 -2.32 -3.45 -17.84
CA GLY A 89 -2.92 -2.73 -18.93
C GLY A 89 -4.40 -3.02 -19.07
N THR A 90 -4.95 -2.59 -20.20
CA THR A 90 -6.35 -2.85 -20.50
C THR A 90 -6.65 -4.35 -20.38
N ALA A 91 -5.79 -5.17 -20.94
CA ALA A 91 -5.84 -6.63 -20.80
C ALA A 91 -4.42 -7.16 -20.98
N GLY A 92 -4.30 -8.45 -21.28
CA GLY A 92 -3.01 -9.06 -21.54
C GLY A 92 -2.08 -9.06 -20.32
N ASP A 93 -0.81 -9.33 -20.61
CA ASP A 93 0.21 -9.38 -19.57
C ASP A 93 0.40 -8.01 -18.93
N PRO A 94 0.96 -7.97 -17.74
CA PRO A 94 1.35 -6.70 -17.13
C PRO A 94 2.72 -6.23 -17.62
N THR A 95 3.05 -4.99 -17.27
CA THR A 95 4.35 -4.41 -17.57
C THR A 95 5.17 -4.43 -16.28
N ALA A 96 6.23 -5.23 -16.25
CA ALA A 96 7.03 -5.35 -15.05
C ALA A 96 8.15 -4.31 -15.01
N SER A 97 8.49 -3.86 -13.81
CA SER A 97 9.69 -3.06 -13.60
C SER A 97 10.26 -3.41 -12.24
N TYR A 98 11.53 -3.06 -12.04
CA TYR A 98 12.25 -3.49 -10.84
C TYR A 98 13.52 -2.66 -10.72
N TYR A 99 14.04 -2.57 -9.50
CA TYR A 99 15.03 -1.57 -9.15
C TYR A 99 15.96 -2.10 -8.07
N THR A 100 17.25 -1.78 -8.19
CA THR A 100 18.20 -1.93 -7.10
C THR A 100 18.00 -0.84 -6.05
N GLN A 101 18.69 -0.97 -4.92
CA GLN A 101 18.59 0.06 -3.90
C GLN A 101 19.11 1.41 -4.40
N GLU A 102 20.18 1.38 -5.19
CA GLU A 102 20.75 2.61 -5.74
C GLU A 102 19.84 3.23 -6.80
N ASP A 103 19.27 2.41 -7.68
CA ASP A 103 18.19 2.88 -8.56
C ASP A 103 17.12 3.65 -7.78
N TRP A 104 16.73 3.15 -6.61
CA TRP A 104 15.70 3.81 -5.82
C TRP A 104 16.15 5.18 -5.35
N THR A 105 17.45 5.36 -5.10
CA THR A 105 17.92 6.68 -4.70
C THR A 105 17.68 7.67 -5.82
N ASP A 106 17.99 7.27 -7.06
CA ASP A 106 17.73 8.15 -8.20
C ASP A 106 16.23 8.40 -8.37
N LEU A 107 15.41 7.36 -8.19
CA LEU A 107 13.96 7.53 -8.28
C LEU A 107 13.45 8.51 -7.23
N ALA A 108 13.90 8.38 -5.99
CA ALA A 108 13.31 9.20 -4.94
C ALA A 108 13.79 10.63 -5.04
N GLU A 109 15.04 10.83 -5.47
CA GLU A 109 15.53 12.19 -5.68
C GLU A 109 14.73 12.89 -6.76
N ARG A 110 14.40 12.18 -7.84
CA ARG A 110 13.64 12.78 -8.94
C ARG A 110 12.25 13.19 -8.49
N PHE A 111 11.56 12.32 -7.73
CA PHE A 111 10.28 12.74 -7.16
C PHE A 111 10.41 13.91 -6.20
N ALA A 112 11.47 13.92 -5.38
CA ALA A 112 11.61 14.96 -4.38
C ALA A 112 11.97 16.32 -4.98
N ARG A 113 12.13 16.41 -6.30
CA ARG A 113 12.39 17.69 -6.97
C ARG A 113 11.07 18.43 -7.14
N LYS A 114 10.57 18.95 -6.02
CA LYS A 114 9.32 19.68 -5.92
C LYS A 114 9.63 21.13 -5.56
N TRP A 115 9.20 22.06 -6.40
CA TRP A 115 9.59 23.46 -6.16
C TRP A 115 9.10 23.98 -4.80
N THR A 116 8.03 23.39 -4.27
CA THR A 116 7.58 23.72 -2.92
C THR A 116 8.45 23.09 -1.83
N GLY A 117 9.32 22.16 -2.19
CA GLY A 117 10.11 21.45 -1.21
C GLY A 117 9.32 20.33 -0.53
N ILE A 118 10.08 19.46 0.14
CA ILE A 118 9.56 18.43 1.05
C ILE A 118 10.49 18.49 2.27
N HIS A 119 9.94 18.72 3.44
CA HIS A 119 10.73 18.97 4.64
C HIS A 119 10.32 18.08 5.79
N PRO A 120 11.19 17.90 6.80
CA PRO A 120 10.79 17.16 8.00
C PRO A 120 9.55 17.69 8.70
N SER A 121 9.27 18.99 8.59
CA SER A 121 8.07 19.57 9.20
C SER A 121 6.79 19.15 8.48
N ASP A 122 6.89 18.44 7.35
CA ASP A 122 5.73 18.12 6.55
C ASP A 122 5.09 16.82 7.04
N THR A 123 3.77 16.75 6.93
CA THR A 123 2.99 15.53 7.04
C THR A 123 2.42 15.26 5.65
N PHE A 124 2.87 14.17 5.03
CA PHE A 124 2.70 13.91 3.60
C PHE A 124 1.73 12.73 3.44
N LEU A 125 0.51 13.02 3.01
CA LEU A 125 -0.49 11.99 2.75
C LEU A 125 -0.27 11.42 1.36
N VAL A 126 0.13 10.16 1.31
CA VAL A 126 0.37 9.47 0.04
C VAL A 126 -0.94 8.77 -0.32
N ARG A 127 -1.68 9.34 -1.28
CA ARG A 127 -2.99 8.79 -1.61
C ARG A 127 -3.03 8.25 -3.05
N THR A 128 -2.17 7.27 -3.31
CA THR A 128 -2.11 6.53 -4.56
C THR A 128 -1.89 5.06 -4.22
N PRO A 129 -2.17 4.14 -5.14
CA PRO A 129 -2.11 2.71 -4.79
C PRO A 129 -0.71 2.26 -4.43
N TYR A 130 -0.65 1.33 -3.47
CA TYR A 130 0.56 0.57 -3.17
C TYR A 130 0.51 -0.85 -3.75
N GLY A 131 -0.59 -1.23 -4.39
CA GLY A 131 -0.71 -2.59 -4.92
C GLY A 131 0.06 -2.83 -6.21
N LEU A 132 1.25 -3.45 -6.09
CA LEU A 132 2.19 -3.71 -7.18
C LEU A 132 2.71 -2.50 -7.95
N VAL A 133 1.87 -1.51 -8.28
CA VAL A 133 2.41 -0.35 -9.03
C VAL A 133 3.42 0.42 -8.16
N ILE A 134 4.27 1.21 -8.82
CA ILE A 134 5.31 1.94 -8.10
C ILE A 134 4.76 3.13 -7.33
N THR A 135 3.57 3.63 -7.71
CA THR A 135 3.19 5.02 -7.46
C THR A 135 3.25 5.39 -5.97
N GLY A 136 2.59 4.61 -5.12
CA GLY A 136 2.60 4.92 -3.69
C GLY A 136 3.97 4.74 -3.06
N HIS A 137 4.69 3.68 -3.43
CA HIS A 137 6.04 3.47 -2.93
C HIS A 137 6.99 4.61 -3.34
N LEU A 138 6.81 5.17 -4.54
CA LEU A 138 7.67 6.26 -4.99
C LEU A 138 7.49 7.50 -4.11
N ALA A 139 6.25 7.93 -3.94
CA ALA A 139 6.02 9.09 -3.09
C ALA A 139 6.52 8.84 -1.69
N GLN A 140 6.34 7.61 -1.16
CA GLN A 140 6.74 7.32 0.21
C GLN A 140 8.26 7.34 0.36
N ALA A 141 8.98 6.81 -0.64
CA ALA A 141 10.44 6.85 -0.62
C ALA A 141 10.95 8.27 -0.66
N ALA A 142 10.32 9.13 -1.46
CA ALA A 142 10.79 10.52 -1.50
C ALA A 142 10.52 11.22 -0.17
N GLY A 143 9.34 10.97 0.42
CA GLY A 143 9.04 11.59 1.70
C GLY A 143 10.02 11.16 2.79
N ARG A 144 10.42 9.89 2.75
CA ARG A 144 11.38 9.38 3.72
C ARG A 144 12.77 9.94 3.47
N LEU A 145 13.17 10.04 2.20
CA LEU A 145 14.44 10.70 1.88
C LEU A 145 14.52 12.09 2.52
N ARG A 146 13.45 12.86 2.43
CA ARG A 146 13.48 14.25 2.89
C ARG A 146 12.96 14.42 4.32
N GLY A 147 12.68 13.33 5.02
CA GLY A 147 12.34 13.39 6.45
C GLY A 147 10.90 13.69 6.77
N ALA A 148 10.04 13.78 5.76
CA ALA A 148 8.66 14.15 6.02
C ALA A 148 7.92 12.99 6.67
N THR A 149 6.93 13.31 7.49
CA THR A 149 6.10 12.29 8.12
C THR A 149 5.17 11.71 7.06
N VAL A 150 5.38 10.44 6.70
CA VAL A 150 4.60 9.83 5.63
C VAL A 150 3.37 9.17 6.22
N VAL A 151 2.21 9.50 5.66
CA VAL A 151 0.92 8.93 6.01
C VAL A 151 0.46 8.10 4.81
N PRO A 152 0.54 6.77 4.89
CA PRO A 152 0.20 5.94 3.73
C PRO A 152 -1.30 5.78 3.56
N GLY A 153 -1.92 6.65 2.75
CA GLY A 153 -3.35 6.53 2.53
C GLY A 153 -3.72 5.35 1.65
N ASP A 154 -2.84 4.97 0.73
CA ASP A 154 -3.15 3.99 -0.29
C ASP A 154 -4.27 4.54 -1.14
N ALA A 155 -4.74 3.78 -2.12
CA ALA A 155 -5.86 4.23 -2.94
C ALA A 155 -6.52 2.98 -3.48
N ARG A 156 -7.83 3.06 -3.79
CA ARG A 156 -8.63 1.89 -4.13
C ARG A 156 -8.42 0.77 -3.12
N SER A 157 -7.99 1.12 -1.92
CA SER A 157 -7.76 0.16 -0.88
C SER A 157 -9.05 0.11 -0.08
N LEU A 158 -9.42 -1.03 0.42
CA LEU A 158 -10.65 -1.11 1.21
C LEU A 158 -10.37 -0.54 2.63
N ALA A 159 -9.10 -0.47 3.09
CA ALA A 159 -8.88 0.11 4.41
C ALA A 159 -9.20 1.61 4.45
N THR A 160 -9.13 2.32 3.32
CA THR A 160 -9.02 3.78 3.33
C THR A 160 -9.99 4.50 2.42
N PRO A 161 -11.27 4.55 2.77
CA PRO A 161 -12.23 5.35 2.01
C PRO A 161 -12.02 6.85 2.18
N LEU A 162 -12.64 7.62 1.27
CA LEU A 162 -12.50 9.08 1.26
C LEU A 162 -12.80 9.70 2.61
N SER A 163 -13.90 9.26 3.26
CA SER A 163 -14.27 9.86 4.55
C SER A 163 -13.10 9.77 5.52
N ARG A 164 -12.35 8.68 5.48
CA ARG A 164 -11.23 8.52 6.38
C ARG A 164 -10.04 9.40 5.97
N MET A 165 -9.86 9.62 4.66
CA MET A 165 -8.82 10.56 4.22
C MET A 165 -9.14 11.98 4.66
N VAL A 166 -10.42 12.38 4.56
CA VAL A 166 -10.81 13.71 5.00
C VAL A 166 -10.52 13.91 6.48
N ARG A 167 -10.82 12.89 7.31
CA ARG A 167 -10.53 13.02 8.73
C ARG A 167 -9.04 13.15 8.98
N VAL A 168 -8.24 12.41 8.21
CA VAL A 168 -6.79 12.47 8.38
C VAL A 168 -6.24 13.82 7.95
N LEU A 169 -6.72 14.35 6.82
CA LEU A 169 -6.25 15.65 6.35
C LEU A 169 -6.47 16.73 7.39
N LYS A 170 -7.64 16.71 8.02
CA LYS A 170 -7.97 17.71 9.01
C LYS A 170 -7.27 17.42 10.33
N SER A 171 -7.37 16.19 10.83
CA SER A 171 -6.92 15.92 12.20
C SER A 171 -5.40 15.93 12.31
N LEU A 172 -4.69 15.49 11.26
CA LEU A 172 -3.24 15.49 11.33
C LEU A 172 -2.61 16.78 10.80
N ASP A 173 -3.41 17.74 10.35
CA ASP A 173 -2.87 18.96 9.72
C ASP A 173 -1.93 18.59 8.57
N VAL A 174 -2.42 17.73 7.67
CA VAL A 174 -1.61 17.34 6.52
C VAL A 174 -1.18 18.57 5.73
N THR A 175 0.11 18.62 5.37
CA THR A 175 0.69 19.76 4.65
C THR A 175 0.90 19.48 3.17
N LEU A 176 1.04 18.20 2.78
CA LEU A 176 1.28 17.78 1.39
C LEU A 176 0.44 16.55 1.05
N THR A 177 -0.08 16.51 -0.18
CA THR A 177 -0.77 15.33 -0.69
C THR A 177 -0.17 14.87 -2.01
N TRP A 178 -0.37 13.59 -2.31
CA TRP A 178 -0.04 13.01 -3.61
C TRP A 178 -1.22 12.16 -4.05
N CYS A 179 -1.85 12.54 -5.16
CA CYS A 179 -2.95 11.77 -5.74
C CYS A 179 -3.19 12.30 -7.15
N ASN A 180 -3.95 11.54 -7.93
CA ASN A 180 -4.23 11.93 -9.31
C ASN A 180 -5.25 13.07 -9.29
N PRO A 181 -5.40 13.80 -10.41
CA PRO A 181 -6.21 15.03 -10.35
C PRO A 181 -7.69 14.79 -10.08
N THR A 182 -8.25 13.66 -10.51
CA THR A 182 -9.64 13.36 -10.17
C THR A 182 -9.81 13.18 -8.66
N GLU A 183 -8.82 12.56 -8.00
CA GLU A 183 -8.87 12.36 -6.56
C GLU A 183 -8.80 13.68 -5.81
N ILE A 184 -8.15 14.69 -6.38
CA ILE A 184 -8.18 16.01 -5.73
C ILE A 184 -9.61 16.51 -5.59
N THR A 185 -10.42 16.33 -6.64
CA THR A 185 -11.80 16.78 -6.55
C THR A 185 -12.66 15.82 -5.74
N MET A 186 -12.37 14.51 -5.81
CA MET A 186 -13.08 13.56 -4.96
C MET A 186 -12.88 13.91 -3.49
N LEU A 187 -11.64 14.21 -3.09
CA LEU A 187 -11.38 14.62 -1.71
C LEU A 187 -12.11 15.92 -1.38
N ALA A 188 -12.18 16.85 -2.32
CA ALA A 188 -12.88 18.11 -2.03
C ALA A 188 -14.37 17.87 -1.87
N ALA A 189 -14.94 17.00 -2.70
CA ALA A 189 -16.35 16.66 -2.54
C ALA A 189 -16.60 15.92 -1.23
N ALA A 190 -15.67 15.03 -0.82
CA ALA A 190 -15.84 14.34 0.45
C ALA A 190 -15.69 15.31 1.62
N ALA A 191 -14.81 16.30 1.51
CA ALA A 191 -14.68 17.28 2.59
C ALA A 191 -15.95 18.10 2.76
N LYS A 192 -16.53 18.56 1.64
CA LYS A 192 -17.81 19.27 1.69
C LYS A 192 -18.87 18.38 2.30
N ALA A 193 -18.89 17.10 1.92
CA ALA A 193 -19.90 16.19 2.44
C ALA A 193 -19.78 16.07 3.95
N ALA A 194 -18.58 16.22 4.48
CA ALA A 194 -18.34 16.19 5.91
C ALA A 194 -18.49 17.57 6.55
N GLY A 195 -18.91 18.57 5.78
CA GLY A 195 -19.09 19.90 6.33
C GLY A 195 -17.84 20.74 6.42
N LEU A 196 -16.76 20.33 5.76
CA LEU A 196 -15.52 21.08 5.73
C LEU A 196 -15.35 21.75 4.37
N ARG A 197 -14.93 23.01 4.38
CA ARG A 197 -14.73 23.78 3.16
C ARG A 197 -13.31 23.56 2.68
N PRO A 198 -13.10 22.91 1.53
CA PRO A 198 -11.73 22.72 1.02
C PRO A 198 -10.95 24.01 0.91
N ASP A 199 -11.62 25.12 0.66
CA ASP A 199 -10.95 26.40 0.45
C ASP A 199 -10.61 27.13 1.74
N ARG A 200 -11.03 26.64 2.90
CA ARG A 200 -10.81 27.39 4.15
C ARG A 200 -10.40 26.54 5.34
N ASP A 201 -10.92 25.32 5.45
CA ASP A 201 -10.85 24.58 6.71
C ASP A 201 -9.65 23.67 6.82
N PHE A 202 -8.68 23.79 5.91
CA PHE A 202 -7.46 22.98 5.94
C PHE A 202 -6.25 23.90 5.94
N PRO A 203 -6.06 24.70 7.00
CA PRO A 203 -5.03 25.77 6.96
C PRO A 203 -3.59 25.25 6.91
N ALA A 204 -3.35 23.97 7.20
CA ALA A 204 -1.98 23.47 7.16
C ALA A 204 -1.58 22.99 5.77
N LEU A 205 -2.55 22.75 4.89
CA LEU A 205 -2.26 22.18 3.58
C LEU A 205 -1.53 23.20 2.72
N ARG A 206 -0.32 22.87 2.24
CA ARG A 206 0.45 23.87 1.50
C ARG A 206 0.77 23.49 0.06
N ALA A 207 0.61 22.22 -0.34
CA ALA A 207 0.75 21.85 -1.74
C ALA A 207 0.09 20.50 -2.01
N MET A 208 -0.40 20.34 -3.22
CA MET A 208 -0.97 19.07 -3.67
C MET A 208 -0.17 18.61 -4.89
N PHE A 209 0.57 17.50 -4.74
CA PHE A 209 1.34 16.96 -5.87
C PHE A 209 0.43 16.06 -6.69
N THR A 210 0.58 16.12 -8.02
CA THR A 210 -0.30 15.32 -8.87
C THR A 210 0.40 15.07 -10.21
N ALA A 211 -0.17 14.17 -11.02
CA ALA A 211 0.46 13.87 -12.30
C ALA A 211 -0.38 14.34 -13.47
N ALA A 212 0.23 14.32 -14.66
CA ALA A 212 -0.39 14.77 -15.89
C ALA A 212 -1.39 13.77 -16.45
N GLU A 213 -2.33 13.29 -15.62
CA GLU A 213 -3.58 12.67 -16.05
C GLU A 213 -4.24 13.65 -17.01
N PRO A 214 -3.91 13.60 -18.32
CA PRO A 214 -4.07 14.77 -19.21
C PRO A 214 -4.68 16.00 -18.57
N LEU A 215 -3.85 16.83 -17.91
CA LEU A 215 -4.33 17.89 -17.03
C LEU A 215 -4.15 19.24 -17.69
N THR A 216 -5.24 19.84 -18.16
CA THR A 216 -5.17 21.18 -18.73
C THR A 216 -4.89 22.21 -17.65
N GLU A 217 -4.26 23.32 -18.05
CA GLU A 217 -4.00 24.40 -17.13
C GLU A 217 -5.28 24.95 -16.54
N VAL A 218 -6.36 24.98 -17.32
CA VAL A 218 -7.64 25.49 -16.79
C VAL A 218 -8.09 24.63 -15.63
N ARG A 219 -8.03 23.32 -15.79
CA ARG A 219 -8.45 22.45 -14.70
C ARG A 219 -7.50 22.54 -13.51
N ARG A 220 -6.19 22.52 -13.77
CA ARG A 220 -5.24 22.62 -12.66
C ARG A 220 -5.48 23.89 -11.83
N ARG A 221 -5.77 25.01 -12.51
CA ARG A 221 -6.02 26.25 -11.78
C ARG A 221 -7.27 26.15 -10.93
N ARG A 222 -8.32 25.49 -11.46
CA ARG A 222 -9.54 25.34 -10.67
C ARG A 222 -9.33 24.38 -9.50
N LEU A 223 -8.52 23.33 -9.69
CA LEU A 223 -8.25 22.43 -8.57
C LEU A 223 -7.58 23.20 -7.43
N SER A 224 -6.60 24.02 -7.76
CA SER A 224 -5.97 24.87 -6.77
C SER A 224 -6.99 25.78 -6.11
N GLU A 225 -7.81 26.48 -6.91
CA GLU A 225 -8.84 27.36 -6.37
C GLU A 225 -9.78 26.64 -5.41
N ILE A 226 -10.15 25.41 -5.73
CA ILE A 226 -11.06 24.63 -4.87
C ILE A 226 -10.46 24.44 -3.48
N TRP A 227 -9.14 24.24 -3.42
CA TRP A 227 -8.45 24.04 -2.16
C TRP A 227 -7.81 25.34 -1.65
N GLY A 228 -8.40 26.49 -1.97
CA GLY A 228 -8.00 27.77 -1.43
C GLY A 228 -6.83 28.43 -2.14
N GLY A 229 -6.45 27.95 -3.31
CA GLY A 229 -5.35 28.53 -4.05
C GLY A 229 -3.99 27.92 -3.75
N VAL A 230 -3.90 26.90 -2.89
CA VAL A 230 -2.63 26.24 -2.64
C VAL A 230 -2.11 25.64 -3.94
N PRO A 231 -0.78 25.58 -4.11
CA PRO A 231 -0.23 25.09 -5.38
C PRO A 231 -0.65 23.66 -5.66
N VAL A 232 -1.08 23.42 -6.89
CA VAL A 232 -1.23 22.07 -7.40
C VAL A 232 -0.03 21.83 -8.31
N VAL A 233 0.88 20.98 -7.87
CA VAL A 233 2.21 20.86 -8.46
C VAL A 233 2.19 19.63 -9.36
N GLU A 234 2.15 19.86 -10.67
CA GLU A 234 2.08 18.77 -11.65
C GLU A 234 3.45 18.21 -11.96
N GLU A 235 3.52 16.90 -12.18
CA GLU A 235 4.73 16.29 -12.73
C GLU A 235 4.36 15.38 -13.89
N TYR A 236 5.39 14.93 -14.60
CA TYR A 236 5.24 14.03 -15.75
C TYR A 236 6.10 12.81 -15.54
N GLY A 237 5.53 11.64 -15.78
CA GLY A 237 6.26 10.39 -15.70
C GLY A 237 5.33 9.27 -16.11
N SER A 238 5.82 8.04 -15.98
CA SER A 238 4.98 6.86 -16.20
C SER A 238 5.24 5.87 -15.07
N THR A 239 4.36 4.86 -14.97
CA THR A 239 4.54 3.84 -13.95
C THR A 239 5.82 3.03 -14.17
N GLU A 240 6.42 3.09 -15.35
CA GLU A 240 7.70 2.44 -15.58
C GLU A 240 8.90 3.37 -15.40
N THR A 241 8.73 4.67 -15.55
CA THR A 241 9.89 5.56 -15.51
C THR A 241 10.06 6.29 -14.18
N GLY A 242 8.99 6.41 -13.38
CA GLY A 242 9.01 7.38 -12.31
C GLY A 242 8.90 8.79 -12.89
N THR A 243 9.16 9.77 -12.02
CA THR A 243 9.08 11.18 -12.41
C THR A 243 10.21 11.53 -13.38
N ILE A 244 9.87 12.05 -14.56
CA ILE A 244 10.88 12.50 -15.50
C ILE A 244 10.85 14.00 -15.72
N ALA A 245 9.80 14.70 -15.29
CA ALA A 245 9.75 16.14 -15.40
C ALA A 245 8.87 16.66 -14.26
N GLY A 246 9.15 17.89 -13.84
CA GLY A 246 8.44 18.47 -12.72
C GLY A 246 8.25 19.96 -12.93
N GLN A 247 7.21 20.51 -12.31
CA GLN A 247 6.86 21.91 -12.51
C GLN A 247 7.77 22.80 -11.68
N CYS A 248 8.11 23.95 -12.22
CA CYS A 248 8.74 25.07 -11.53
C CYS A 248 7.67 26.08 -11.12
N PRO A 249 8.01 27.11 -10.33
CA PRO A 249 6.99 28.11 -9.96
C PRO A 249 6.45 28.92 -11.12
N GLU A 250 7.14 28.95 -12.27
CA GLU A 250 6.59 29.65 -13.42
C GLU A 250 5.52 28.84 -14.12
N GLY A 251 5.28 27.60 -13.71
CA GLY A 251 4.25 26.78 -14.32
C GLY A 251 4.72 25.87 -15.44
N ARG A 252 6.01 25.86 -15.76
CA ARG A 252 6.55 25.00 -16.80
C ARG A 252 7.06 23.70 -16.22
N MET A 253 7.06 22.64 -17.02
CA MET A 253 7.57 21.36 -16.60
C MET A 253 8.98 21.17 -17.14
N HIS A 254 9.95 21.00 -16.23
CA HIS A 254 11.34 20.85 -16.59
C HIS A 254 11.73 19.38 -16.59
N LEU A 255 12.23 18.90 -17.73
CA LEU A 255 12.74 17.54 -17.82
C LEU A 255 13.96 17.37 -16.91
N TRP A 256 14.03 16.24 -16.22
CA TRP A 256 15.19 15.95 -15.37
C TRP A 256 16.34 15.40 -16.23
N ALA A 257 16.86 16.28 -17.08
CA ALA A 257 17.81 15.90 -18.10
C ALA A 257 19.17 15.52 -17.52
N ASP A 258 19.45 15.85 -16.27
CA ASP A 258 20.70 15.41 -15.68
C ASP A 258 20.68 13.93 -15.33
N ARG A 259 19.51 13.29 -15.31
CA ARG A 259 19.42 11.85 -15.07
C ARG A 259 18.75 11.07 -16.20
N ALA A 260 18.51 11.68 -17.35
CA ALA A 260 17.94 10.94 -18.47
C ALA A 260 18.20 11.74 -19.74
N VAL A 261 18.45 11.03 -20.83
CA VAL A 261 18.50 11.65 -22.15
C VAL A 261 17.10 11.61 -22.74
N PHE A 262 16.59 12.78 -23.13
CA PHE A 262 15.24 12.96 -23.66
C PHE A 262 15.31 13.34 -25.14
N GLU A 263 14.47 12.71 -25.94
CA GLU A 263 14.44 12.97 -27.37
C GLU A 263 13.01 13.00 -27.84
N VAL A 264 12.80 13.67 -28.96
CA VAL A 264 11.49 13.88 -29.57
C VAL A 264 11.45 13.07 -30.86
N TYR A 265 10.58 12.06 -30.91
CA TYR A 265 10.47 11.17 -32.06
C TYR A 265 9.41 11.66 -33.05
N ASP A 266 9.79 11.76 -34.32
CA ASP A 266 8.84 12.14 -35.36
C ASP A 266 8.51 10.91 -36.19
N PRO A 267 7.32 10.31 -36.04
CA PRO A 267 7.04 9.07 -36.77
C PRO A 267 6.99 9.25 -38.28
N ALA A 268 6.78 10.47 -38.78
CA ALA A 268 6.69 10.68 -40.22
C ALA A 268 8.07 10.55 -40.88
N THR A 269 9.14 10.81 -40.13
CA THR A 269 10.50 10.69 -40.65
C THR A 269 11.34 9.62 -39.98
N GLY A 270 10.90 9.07 -38.85
CA GLY A 270 11.71 8.10 -38.14
C GLY A 270 12.89 8.69 -37.39
N GLU A 271 13.02 10.01 -37.33
CA GLU A 271 14.19 10.65 -36.75
C GLU A 271 13.90 11.19 -35.36
N LEU A 272 14.96 11.30 -34.56
CA LEU A 272 14.91 11.86 -33.22
C LEU A 272 15.56 13.24 -33.21
N SER A 273 15.02 14.13 -32.37
CA SER A 273 15.54 15.47 -32.17
C SER A 273 15.62 15.77 -30.67
N GLU A 274 16.46 16.75 -30.33
CA GLU A 274 16.55 17.22 -28.95
C GLU A 274 15.33 18.05 -28.58
N ALA A 275 14.80 18.82 -29.53
CA ALA A 275 13.68 19.72 -29.27
C ALA A 275 12.62 19.51 -30.33
N GLY A 276 11.48 20.16 -30.14
CA GLY A 276 10.42 20.14 -31.12
C GLY A 276 9.24 19.31 -30.67
N ARG A 277 8.32 19.11 -31.60
CA ARG A 277 7.07 18.38 -31.34
C ARG A 277 7.20 16.96 -31.86
N GLY A 278 6.80 16.01 -31.03
CA GLY A 278 6.84 14.60 -31.41
C GLY A 278 6.60 13.73 -30.20
N GLN A 279 6.93 12.45 -30.34
CA GLN A 279 6.71 11.48 -29.26
C GLN A 279 7.88 11.49 -28.29
N MET A 280 7.56 11.39 -26.98
CA MET A 280 8.56 11.53 -25.93
C MET A 280 9.36 10.25 -25.81
N VAL A 281 10.67 10.34 -26.01
CA VAL A 281 11.58 9.21 -25.87
C VAL A 281 12.52 9.48 -24.70
N VAL A 282 12.79 8.46 -23.90
CA VAL A 282 13.60 8.65 -22.71
C VAL A 282 14.62 7.53 -22.56
N THR A 283 15.86 7.90 -22.23
CA THR A 283 16.91 6.96 -21.86
C THR A 283 17.37 7.30 -20.45
N PRO A 284 16.94 6.57 -19.42
CA PRO A 284 17.40 6.87 -18.06
C PRO A 284 18.88 6.58 -17.93
N LEU A 285 19.56 7.39 -17.13
CA LEU A 285 21.00 7.28 -16.97
C LEU A 285 21.41 6.62 -15.67
N TYR A 286 20.49 6.41 -14.74
CA TYR A 286 20.80 5.82 -13.44
C TYR A 286 19.69 4.81 -13.19
N ARG A 287 19.84 3.64 -13.83
CA ARG A 287 18.84 2.59 -13.87
C ARG A 287 19.51 1.26 -14.18
N ASP A 288 20.15 0.64 -13.18
CA ASP A 288 20.97 -0.54 -13.45
C ASP A 288 20.14 -1.79 -13.68
N ALA A 289 19.09 -2.00 -12.86
CA ALA A 289 18.38 -3.27 -12.85
C ALA A 289 17.58 -3.49 -14.13
N MET A 290 16.98 -2.44 -14.66
CA MET A 290 16.11 -2.52 -15.83
C MET A 290 16.47 -1.37 -16.79
N PRO A 291 17.65 -1.43 -17.40
CA PRO A 291 18.04 -0.32 -18.28
C PRO A 291 17.11 -0.24 -19.47
N LEU A 292 16.83 0.98 -19.89
CA LEU A 292 15.97 1.27 -21.04
C LEU A 292 16.70 2.21 -21.99
N LEU A 293 16.88 1.77 -23.24
CA LEU A 293 17.47 2.61 -24.28
C LEU A 293 16.37 3.13 -25.20
N ARG A 294 16.23 4.45 -25.23
CA ARG A 294 15.28 5.15 -26.09
C ARG A 294 13.88 4.53 -25.98
N TYR A 295 13.37 4.50 -24.75
CA TYR A 295 12.03 4.01 -24.49
C TYR A 295 11.02 5.06 -24.94
N ASN A 296 10.12 4.69 -25.84
CA ASN A 296 9.10 5.61 -26.36
C ASN A 296 7.87 5.58 -25.47
N LEU A 297 7.63 6.67 -24.73
CA LEU A 297 6.36 6.81 -24.02
C LEU A 297 5.19 7.00 -24.98
N ALA A 298 5.44 7.51 -26.19
CA ALA A 298 4.46 7.66 -27.26
C ALA A 298 3.41 8.71 -26.96
N ASP A 299 3.60 9.49 -25.90
CA ASP A 299 2.83 10.71 -25.70
C ASP A 299 3.31 11.77 -26.69
N GLU A 300 2.36 12.56 -27.22
CA GLU A 300 2.71 13.69 -28.06
C GLU A 300 3.06 14.89 -27.18
N VAL A 301 4.27 15.42 -27.36
CA VAL A 301 4.78 16.50 -26.53
C VAL A 301 5.50 17.51 -27.41
N GLU A 302 5.79 18.67 -26.82
CA GLU A 302 6.66 19.67 -27.43
C GLU A 302 7.74 20.05 -26.43
N VAL A 303 8.99 19.87 -26.82
CA VAL A 303 10.13 20.16 -25.96
C VAL A 303 10.73 21.49 -26.38
N SER A 304 10.96 22.38 -25.40
CA SER A 304 11.55 23.69 -25.62
C SER A 304 12.87 23.79 -24.86
N THR A 305 13.89 24.37 -25.51
CA THR A 305 15.17 24.66 -24.87
C THR A 305 15.27 26.11 -24.41
N ASP A 306 14.21 26.88 -24.56
CA ASP A 306 14.25 28.29 -24.17
C ASP A 306 14.39 28.42 -22.66
N PRO A 307 15.37 29.19 -22.17
CA PRO A 307 15.60 29.28 -20.73
C PRO A 307 14.35 29.73 -19.98
N CYS A 308 14.28 29.35 -18.71
CA CYS A 308 13.16 29.72 -17.86
C CYS A 308 13.63 30.54 -16.66
N PRO A 309 12.92 31.61 -16.30
CA PRO A 309 13.39 32.48 -15.22
C PRO A 309 13.36 31.84 -13.83
N CYS A 310 12.95 30.56 -13.70
CA CYS A 310 12.94 29.94 -12.38
C CYS A 310 14.34 29.62 -11.87
N GLY A 311 15.33 29.53 -12.75
CA GLY A 311 16.68 29.17 -12.38
C GLY A 311 17.09 27.75 -12.73
N TRP A 312 16.13 26.86 -12.98
CA TRP A 312 16.45 25.48 -13.35
C TRP A 312 16.98 25.45 -14.77
N LEU A 313 18.27 25.15 -14.94
CA LEU A 313 18.90 25.14 -16.26
C LEU A 313 18.60 23.81 -16.95
N LEU A 314 17.32 23.63 -17.27
CA LEU A 314 16.84 22.40 -17.87
C LEU A 314 15.76 22.69 -18.91
N PRO A 315 15.74 21.95 -20.02
CA PRO A 315 14.70 22.16 -21.03
C PRO A 315 13.32 21.87 -20.47
N THR A 316 12.30 22.42 -21.11
CA THR A 316 10.94 22.24 -20.63
C THR A 316 10.15 21.43 -21.64
N VAL A 317 9.05 20.86 -21.16
CA VAL A 317 8.20 20.01 -21.98
C VAL A 317 6.75 20.35 -21.71
N THR A 318 5.96 20.40 -22.78
CA THR A 318 4.51 20.51 -22.73
C THR A 318 3.95 19.19 -23.22
N VAL A 319 3.09 18.55 -22.43
CA VAL A 319 2.46 17.31 -22.83
C VAL A 319 1.16 17.66 -23.55
N LEU A 320 1.12 17.38 -24.85
CA LEU A 320 -0.01 17.77 -25.69
C LEU A 320 -1.15 16.75 -25.69
N GLY A 321 -0.87 15.48 -25.37
CA GLY A 321 -1.88 14.45 -25.33
C GLY A 321 -1.37 13.18 -26.01
N ARG A 322 -2.31 12.29 -26.37
CA ARG A 322 -2.00 11.05 -27.06
C ARG A 322 -2.84 10.93 -28.33
N ALA A 323 -2.20 10.50 -29.41
CA ALA A 323 -2.91 10.23 -30.64
C ALA A 323 -4.00 9.17 -30.39
N GLY A 324 -5.09 9.28 -31.16
CA GLY A 324 -6.18 8.33 -31.13
C GLY A 324 -7.47 8.85 -30.53
N THR A 325 -7.42 10.02 -29.88
CA THR A 325 -8.58 10.57 -29.19
C THR A 325 -9.34 11.56 -30.08
N GLU A 326 -9.62 11.14 -31.31
CA GLU A 326 -10.19 12.03 -32.32
C GLU A 326 -11.67 11.72 -32.50
N HIS A 327 -12.50 12.50 -31.81
CA HIS A 327 -13.95 12.31 -31.80
C HIS A 327 -14.62 13.38 -32.65
N THR A 328 -15.34 12.95 -33.68
CA THR A 328 -16.02 13.85 -34.60
C THR A 328 -17.48 13.98 -34.22
N VAL A 329 -17.95 15.22 -34.08
CA VAL A 329 -19.35 15.49 -33.77
C VAL A 329 -19.85 16.58 -34.69
N GLY A 330 -21.01 16.36 -35.31
CA GLY A 330 -21.47 17.23 -36.37
C GLY A 330 -20.41 17.32 -37.45
N SER A 331 -19.65 18.40 -37.45
CA SER A 331 -18.57 18.57 -38.41
C SER A 331 -17.25 18.95 -37.76
N ALA A 332 -17.21 19.19 -36.46
CA ALA A 332 -16.00 19.57 -35.73
C ALA A 332 -15.42 18.36 -35.01
N THR A 333 -14.21 18.52 -34.51
CA THR A 333 -13.59 17.52 -33.67
C THR A 333 -13.61 17.98 -32.21
N VAL A 334 -13.84 17.02 -31.32
CA VAL A 334 -14.00 17.25 -29.90
C VAL A 334 -12.98 16.39 -29.16
N THR A 335 -12.18 17.03 -28.30
CA THR A 335 -11.27 16.28 -27.45
C THR A 335 -11.67 16.45 -25.99
N GLN A 336 -11.27 15.47 -25.17
CA GLN A 336 -11.53 15.54 -23.75
C GLN A 336 -10.85 16.76 -23.12
N GLN A 337 -9.67 17.13 -23.63
CA GLN A 337 -8.97 18.27 -23.05
C GLN A 337 -9.68 19.58 -23.35
N ARG A 338 -10.18 19.75 -24.57
CA ARG A 338 -10.92 20.97 -24.90
C ARG A 338 -12.23 21.04 -24.10
N LEU A 339 -12.95 19.93 -23.97
CA LEU A 339 -14.16 19.91 -23.15
C LEU A 339 -13.84 20.22 -21.70
N GLU A 340 -12.74 19.67 -21.20
CA GLU A 340 -12.30 19.97 -19.84
C GLU A 340 -12.06 21.45 -19.62
N GLU A 341 -11.46 22.12 -20.61
CA GLU A 341 -11.25 23.55 -20.49
C GLU A 341 -12.57 24.29 -20.38
N LEU A 342 -13.56 23.91 -21.21
CA LEU A 342 -14.84 24.59 -21.17
C LEU A 342 -15.58 24.32 -19.87
N VAL A 343 -15.55 23.07 -19.40
CA VAL A 343 -16.24 22.75 -18.15
C VAL A 343 -15.63 23.51 -16.98
N PHE A 344 -14.30 23.52 -16.87
CA PHE A 344 -13.66 24.18 -15.74
C PHE A 344 -13.44 25.66 -15.97
N SER A 345 -13.89 26.20 -17.10
CA SER A 345 -13.99 27.64 -17.30
C SER A 345 -15.27 28.22 -16.71
N LEU A 346 -16.22 27.38 -16.31
CA LEU A 346 -17.39 27.87 -15.61
C LEU A 346 -16.96 28.53 -14.30
N PRO A 347 -17.68 29.56 -13.83
CA PRO A 347 -17.31 30.22 -12.58
C PRO A 347 -17.28 29.25 -11.42
N ALA A 348 -16.22 29.36 -10.61
CA ALA A 348 -16.03 28.44 -9.49
C ALA A 348 -17.26 28.36 -8.59
N ALA A 349 -18.02 29.45 -8.49
CA ALA A 349 -19.19 29.47 -7.62
C ALA A 349 -20.26 28.46 -8.03
N TYR A 350 -20.26 28.01 -9.30
CA TYR A 350 -21.22 27.00 -9.72
C TYR A 350 -20.90 25.62 -9.14
N GLU A 351 -19.66 25.41 -8.70
CA GLU A 351 -19.24 24.15 -8.06
C GLU A 351 -19.36 22.95 -9.02
N VAL A 352 -19.18 23.16 -10.32
CA VAL A 352 -19.17 22.04 -11.26
C VAL A 352 -17.78 21.40 -11.22
N MET A 353 -17.72 20.17 -10.72
CA MET A 353 -16.49 19.42 -10.60
C MET A 353 -16.48 18.11 -11.38
N PHE A 354 -17.62 17.45 -11.53
CA PHE A 354 -17.71 16.13 -12.13
C PHE A 354 -18.62 16.20 -13.36
N TRP A 355 -18.16 15.58 -14.45
CA TRP A 355 -18.87 15.65 -15.71
C TRP A 355 -18.52 14.42 -16.52
N ARG A 356 -19.31 14.18 -17.56
CA ARG A 356 -19.03 13.10 -18.51
C ARG A 356 -19.68 13.49 -19.82
N ALA A 357 -19.26 12.83 -20.90
CA ALA A 357 -19.81 13.17 -22.20
C ALA A 357 -19.67 11.98 -23.14
N LYS A 358 -20.64 11.87 -24.04
CA LYS A 358 -20.67 10.85 -25.08
C LYS A 358 -20.72 11.55 -26.42
N ALA A 359 -19.79 11.19 -27.31
CA ALA A 359 -19.73 11.79 -28.64
C ALA A 359 -20.49 10.94 -29.64
N HIS A 360 -21.48 11.54 -30.30
CA HIS A 360 -22.26 10.96 -31.37
C HIS A 360 -22.03 11.77 -32.63
N PRO A 361 -22.24 11.19 -33.81
CA PRO A 361 -22.05 11.99 -35.03
C PRO A 361 -22.98 13.18 -35.12
N ASP A 362 -24.15 13.11 -34.53
CA ASP A 362 -25.11 14.21 -34.62
C ASP A 362 -25.24 15.02 -33.33
N VAL A 363 -24.60 14.62 -32.23
CA VAL A 363 -24.77 15.35 -30.97
C VAL A 363 -23.61 15.03 -30.03
N LEU A 364 -23.21 16.01 -29.24
CA LEU A 364 -22.38 15.79 -28.06
C LEU A 364 -23.29 15.81 -26.84
N HIS A 365 -23.38 14.68 -26.16
CA HIS A 365 -24.23 14.52 -24.99
C HIS A 365 -23.35 14.71 -23.77
N LEU A 366 -23.53 15.82 -23.05
CA LEU A 366 -22.70 16.14 -21.88
C LEU A 366 -23.59 16.27 -20.65
N GLN A 367 -23.12 15.69 -19.55
CA GLN A 367 -23.79 15.71 -18.26
C GLN A 367 -22.79 16.16 -17.20
N PHE A 368 -23.30 16.80 -16.16
CA PHE A 368 -22.46 17.29 -15.07
C PHE A 368 -23.26 17.36 -13.78
N GLU A 369 -22.55 17.38 -12.64
CA GLU A 369 -23.16 17.52 -11.33
C GLU A 369 -23.07 18.96 -10.88
N ALA A 370 -24.10 19.44 -10.20
CA ALA A 370 -24.10 20.80 -9.67
C ALA A 370 -25.27 20.94 -8.69
N PRO A 371 -25.13 21.81 -7.69
CA PRO A 371 -26.23 22.02 -6.73
C PRO A 371 -27.42 22.70 -7.37
N ASP A 372 -28.58 22.51 -6.73
CA ASP A 372 -29.83 23.08 -7.25
C ASP A 372 -29.70 24.56 -7.56
N ALA A 373 -28.90 25.29 -6.77
CA ALA A 373 -28.86 26.74 -6.90
C ALA A 373 -28.25 27.18 -8.22
N THR A 374 -27.20 26.49 -8.68
CA THR A 374 -26.44 26.94 -9.85
C THR A 374 -26.58 26.00 -11.05
N ARG A 375 -27.44 24.98 -10.97
CA ARG A 375 -27.44 23.92 -11.98
C ARG A 375 -27.88 24.44 -13.34
N GLU A 376 -29.05 25.08 -13.42
CA GLU A 376 -29.58 25.49 -14.71
C GLU A 376 -28.72 26.58 -15.34
N GLN A 377 -28.14 27.46 -14.53
CA GLN A 377 -27.27 28.51 -15.08
C GLN A 377 -25.98 27.92 -15.64
N ALA A 378 -25.42 26.92 -14.96
CA ALA A 378 -24.24 26.24 -15.46
C ALA A 378 -24.50 25.64 -16.83
N ALA A 379 -25.58 24.87 -16.96
CA ALA A 379 -25.90 24.22 -18.23
C ALA A 379 -26.05 25.23 -19.36
N LYS A 380 -26.66 26.39 -19.07
CA LYS A 380 -26.88 27.38 -20.11
C LYS A 380 -25.56 28.05 -20.51
N GLU A 381 -24.74 28.40 -19.52
CA GLU A 381 -23.43 28.96 -19.84
C GLU A 381 -22.57 27.95 -20.59
N LEU A 382 -22.57 26.70 -20.15
CA LEU A 382 -21.79 25.67 -20.86
C LEU A 382 -22.29 25.49 -22.28
N GLY A 383 -23.62 25.48 -22.46
CA GLY A 383 -24.17 25.40 -23.82
C GLY A 383 -23.80 26.58 -24.69
N ALA A 384 -23.71 27.77 -24.08
CA ALA A 384 -23.23 28.92 -24.83
C ALA A 384 -21.76 28.76 -25.19
N ALA A 385 -20.97 28.24 -24.24
CA ALA A 385 -19.53 28.06 -24.46
C ALA A 385 -19.27 27.07 -25.59
N LEU A 386 -20.08 26.00 -25.68
CA LEU A 386 -19.90 25.04 -26.77
C LEU A 386 -20.24 25.68 -28.12
N ASP A 387 -21.27 26.53 -28.15
CA ASP A 387 -21.61 27.22 -29.38
C ASP A 387 -20.48 28.15 -29.82
N ARG A 388 -19.93 28.92 -28.88
CA ARG A 388 -18.88 29.89 -29.19
C ARG A 388 -17.62 29.21 -29.71
N GLU A 389 -17.05 28.30 -28.92
CA GLU A 389 -15.73 27.77 -29.16
C GLU A 389 -15.71 26.54 -30.07
N LEU A 390 -16.78 25.74 -30.09
CA LEU A 390 -16.77 24.49 -30.85
C LEU A 390 -17.85 24.40 -31.93
N GLY A 391 -18.94 25.17 -31.83
CA GLY A 391 -19.99 25.15 -32.84
C GLY A 391 -20.63 23.81 -33.04
N VAL A 392 -20.75 23.02 -31.97
CA VAL A 392 -21.11 21.61 -32.10
C VAL A 392 -22.54 21.41 -31.63
N PRO A 393 -23.35 20.60 -32.31
CA PRO A 393 -24.66 20.23 -31.75
C PRO A 393 -24.46 19.58 -30.40
N HIS A 394 -25.33 19.92 -29.45
CA HIS A 394 -25.13 19.37 -28.11
C HIS A 394 -26.46 19.21 -27.39
N ARG A 395 -26.44 18.37 -26.36
CA ARG A 395 -27.52 18.29 -25.37
C ARG A 395 -26.90 18.12 -24.00
N ILE A 396 -27.18 19.06 -23.10
CA ILE A 396 -26.53 19.19 -21.81
C ILE A 396 -27.57 18.95 -20.73
N GLU A 397 -27.25 18.07 -19.79
CA GLU A 397 -28.15 17.74 -18.70
C GLU A 397 -27.38 17.90 -17.39
N GLY A 398 -27.72 18.93 -16.63
CA GLY A 398 -27.20 19.06 -15.28
C GLY A 398 -27.88 18.08 -14.34
N LEU A 399 -27.08 17.50 -13.46
CA LEU A 399 -27.56 16.44 -12.58
C LEU A 399 -27.47 16.86 -11.12
N PRO A 400 -28.34 16.33 -10.26
CA PRO A 400 -28.20 16.59 -8.82
C PRO A 400 -26.99 15.85 -8.27
N LEU A 401 -26.50 16.34 -7.15
CA LEU A 401 -25.33 15.74 -6.53
C LEU A 401 -25.64 14.31 -6.15
N GLY A 402 -24.60 13.47 -6.14
CA GLY A 402 -24.76 12.06 -5.93
C GLY A 402 -25.06 11.25 -7.17
N THR A 403 -25.15 11.88 -8.35
CA THR A 403 -25.41 11.12 -9.57
C THR A 403 -24.12 10.54 -10.15
N LEU A 404 -23.18 11.38 -10.55
CA LEU A 404 -21.91 10.86 -11.09
C LEU A 404 -20.96 10.42 -9.98
N VAL A 405 -21.01 11.05 -8.81
CA VAL A 405 -20.21 10.64 -7.67
C VAL A 405 -21.17 10.34 -6.52
N PRO A 406 -21.53 9.06 -6.32
CA PRO A 406 -22.54 8.70 -5.32
C PRO A 406 -22.13 9.14 -3.92
N THR A 407 -23.09 9.73 -3.19
CA THR A 407 -22.82 10.29 -1.87
C THR A 407 -22.18 9.28 -0.93
N GLU A 408 -22.50 8.00 -1.07
CA GLU A 408 -21.96 6.99 -0.16
C GLU A 408 -20.47 6.81 -0.36
N ALA A 409 -19.99 6.96 -1.60
CA ALA A 409 -18.56 7.00 -1.81
C ALA A 409 -17.89 8.10 -0.99
N LEU A 410 -18.60 9.22 -0.79
CA LEU A 410 -18.02 10.37 -0.11
C LEU A 410 -18.09 10.26 1.42
N THR A 411 -19.04 9.50 1.97
CA THR A 411 -19.23 9.45 3.42
C THR A 411 -19.17 8.06 4.04
N ALA A 412 -19.30 6.98 3.27
CA ALA A 412 -19.31 5.66 3.88
C ALA A 412 -18.00 5.41 4.62
N ARG A 413 -18.12 4.83 5.79
CA ARG A 413 -16.98 4.38 6.57
C ARG A 413 -17.03 2.87 6.60
N ARG A 414 -15.88 2.26 6.50
CA ARG A 414 -15.84 0.89 6.08
C ARG A 414 -14.85 0.06 6.88
N ASP A 415 -14.43 0.58 8.03
CA ASP A 415 -13.69 -0.11 9.09
C ASP A 415 -12.49 -0.84 8.47
N ILE A 416 -12.09 -1.95 9.09
CA ILE A 416 -11.08 -2.85 8.57
C ILE A 416 -11.53 -4.27 8.90
N LEU A 417 -11.60 -4.59 10.19
CA LEU A 417 -12.06 -5.87 10.73
C LEU A 417 -11.12 -7.02 10.43
N LYS A 418 -11.45 -8.20 10.98
CA LYS A 418 -10.59 -9.37 11.01
C LYS A 418 -11.45 -10.58 10.67
N ALA A 419 -10.80 -11.64 10.19
CA ALA A 419 -11.54 -12.89 10.02
C ALA A 419 -11.99 -13.40 11.39
N ARG A 420 -13.21 -13.91 11.46
CA ARG A 420 -13.71 -14.51 12.69
C ARG A 420 -14.62 -15.69 12.31
N TYR A 421 -14.58 -16.75 13.11
CA TYR A 421 -15.26 -17.99 12.76
C TYR A 421 -16.39 -18.35 13.70
N LEU A 422 -16.23 -18.07 14.99
CA LEU A 422 -17.26 -18.36 15.98
C LEU A 422 -17.94 -17.06 16.37
N PHE A 423 -19.25 -17.01 16.21
CA PHE A 423 -20.00 -15.80 16.47
C PHE A 423 -20.97 -16.02 17.62
N ALA A 424 -21.24 -14.94 18.35
CA ALA A 424 -22.21 -15.00 19.44
C ALA A 424 -23.62 -14.90 18.88
N GLU A 425 -24.56 -15.47 19.63
CA GLU A 425 -25.99 -15.54 19.34
C GLU A 425 -26.56 -14.26 18.72
N GLY A 426 -26.07 -13.10 19.13
CA GLY A 426 -26.57 -11.87 18.55
C GLY A 426 -25.86 -11.32 17.33
N GLU A 427 -24.65 -11.82 17.03
CA GLU A 427 -23.80 -11.19 16.02
C GLU A 427 -24.16 -11.63 14.61
N ASP A 428 -23.61 -10.93 13.63
CA ASP A 428 -23.90 -11.16 12.21
C ASP A 428 -22.73 -11.94 11.60
N TRP A 429 -22.98 -13.17 11.18
CA TRP A 429 -21.90 -14.04 10.75
C TRP A 429 -21.71 -14.07 9.24
N ASP A 430 -22.43 -13.23 8.49
CA ASP A 430 -22.17 -13.11 7.05
C ASP A 430 -20.85 -12.40 6.75
N LYS A 431 -20.10 -12.02 7.78
CA LYS A 431 -18.76 -11.49 7.57
C LYS A 431 -17.77 -12.63 7.26
N ALA A 432 -17.72 -13.64 8.14
CA ALA A 432 -16.96 -14.86 7.89
C ALA A 432 -15.47 -14.61 7.68
N SER B 4 22.13 1.53 20.38
CA SER B 4 22.75 0.20 20.39
C SER B 4 21.78 -0.85 20.95
N ARG B 5 21.07 -1.56 20.03
CA ARG B 5 20.06 -2.55 20.39
C ARG B 5 20.68 -3.93 20.58
N PRO B 6 20.21 -4.69 21.56
CA PRO B 6 20.73 -6.03 21.78
C PRO B 6 20.13 -7.02 20.80
N GLU B 7 20.93 -8.00 20.44
CA GLU B 7 20.52 -9.10 19.58
C GLU B 7 20.74 -10.41 20.32
N PRO B 8 20.09 -11.50 19.89
CA PRO B 8 20.27 -12.79 20.58
C PRO B 8 21.74 -13.18 20.69
N GLY B 9 22.11 -13.74 21.84
CA GLY B 9 23.48 -14.01 22.18
C GLY B 9 24.12 -12.97 23.09
N ASP B 10 23.54 -11.78 23.16
CA ASP B 10 24.03 -10.73 24.05
C ASP B 10 23.65 -10.96 25.51
N TRP B 11 23.05 -12.09 25.84
CA TRP B 11 22.75 -12.45 27.22
C TRP B 11 22.85 -13.95 27.37
N SER B 12 23.21 -14.38 28.58
CA SER B 12 23.53 -15.77 28.84
C SER B 12 22.50 -16.52 29.68
N SER B 13 21.68 -15.82 30.45
CA SER B 13 20.70 -16.46 31.31
C SER B 13 19.54 -15.50 31.51
N PRO B 14 18.42 -15.96 32.09
CA PRO B 14 17.32 -15.03 32.39
C PRO B 14 17.74 -13.84 33.24
N ALA B 15 18.68 -14.03 34.18
CA ALA B 15 19.17 -12.91 34.97
C ALA B 15 19.87 -11.88 34.09
N GLU B 16 20.73 -12.33 33.19
CA GLU B 16 21.44 -11.39 32.31
C GLU B 16 20.46 -10.64 31.41
N LEU B 17 19.47 -11.34 30.85
CA LEU B 17 18.50 -10.67 29.99
C LEU B 17 17.68 -9.66 30.77
N ALA B 18 17.33 -9.99 32.01
CA ALA B 18 16.58 -9.06 32.84
C ALA B 18 17.37 -7.79 33.16
N GLU B 19 18.70 -7.84 33.10
CA GLU B 19 19.50 -6.65 33.38
C GLU B 19 19.59 -5.72 32.18
N LEU B 20 19.64 -6.28 30.96
CA LEU B 20 19.48 -5.44 29.79
C LEU B 20 18.16 -4.70 29.83
N GLN B 21 17.12 -5.37 30.32
CA GLN B 21 15.81 -4.72 30.40
C GLN B 21 15.83 -3.58 31.42
N ARG B 22 16.48 -3.80 32.57
CA ARG B 22 16.44 -2.80 33.63
C ARG B 22 17.33 -1.59 33.33
N ALA B 23 18.49 -1.82 32.71
CA ALA B 23 19.35 -0.72 32.33
C ALA B 23 18.69 0.19 31.30
N ARG B 24 17.64 -0.29 30.64
CA ARG B 24 16.95 0.53 29.65
C ARG B 24 15.71 1.23 30.22
N LEU B 25 15.12 0.68 31.28
CA LEU B 25 13.84 1.18 31.77
C LEU B 25 13.84 2.67 32.13
N PRO B 26 14.84 3.21 32.85
CA PRO B 26 14.76 4.66 33.16
C PRO B 26 14.70 5.52 31.92
N GLN B 27 15.42 5.16 30.86
CA GLN B 27 15.31 5.91 29.61
C GLN B 27 13.90 5.84 29.04
N VAL B 28 13.24 4.69 29.19
CA VAL B 28 11.89 4.51 28.65
C VAL B 28 10.86 5.29 29.47
N ILE B 29 10.97 5.21 30.80
CA ILE B 29 10.07 5.97 31.66
C ILE B 29 10.21 7.47 31.40
N ALA B 30 11.45 7.98 31.42
CA ALA B 30 11.67 9.40 31.22
C ALA B 30 11.18 9.84 29.83
N GLN B 31 11.36 8.99 28.81
CA GLN B 31 10.85 9.32 27.50
C GLN B 31 9.32 9.36 27.51
N ALA B 32 8.68 8.39 28.18
CA ALA B 32 7.23 8.32 28.18
C ALA B 32 6.61 9.54 28.83
N LEU B 33 7.22 9.99 29.93
CA LEU B 33 6.75 11.17 30.64
C LEU B 33 6.72 12.42 29.78
N ARG B 34 7.34 12.40 28.61
CA ARG B 34 7.32 13.57 27.72
C ARG B 34 6.08 13.60 26.84
N SER B 35 5.30 12.51 26.75
CA SER B 35 4.06 12.63 26.00
C SER B 35 3.02 13.37 26.84
N PRO B 36 2.11 14.10 26.20
CA PRO B 36 1.01 14.72 26.95
C PRO B 36 0.21 13.73 27.78
N PHE B 37 0.09 12.49 27.34
CA PHE B 37 -0.76 11.55 28.07
C PHE B 37 -0.15 11.19 29.42
N TYR B 38 1.12 10.79 29.43
CA TYR B 38 1.76 10.44 30.69
C TYR B 38 2.07 11.69 31.50
N ALA B 39 2.37 12.81 30.84
CA ALA B 39 2.55 14.06 31.55
C ALA B 39 1.30 14.42 32.35
N ALA B 40 0.12 14.22 31.76
CA ALA B 40 -1.12 14.56 32.45
C ALA B 40 -1.52 13.48 33.45
N ARG B 41 -1.17 12.22 33.18
CA ARG B 41 -1.45 11.18 34.15
C ARG B 41 -0.73 11.45 35.48
N TYR B 42 0.50 11.98 35.43
CA TYR B 42 1.31 12.17 36.62
C TYR B 42 1.43 13.63 37.02
N GLU B 43 0.59 14.50 36.45
CA GLU B 43 0.54 15.89 36.84
C GLU B 43 0.17 16.02 38.30
N GLY B 44 0.97 16.79 39.04
CA GLY B 44 0.74 16.92 40.47
C GLY B 44 1.11 15.71 41.30
N ARG B 45 1.72 14.67 40.71
CA ARG B 45 2.13 13.48 41.43
C ARG B 45 3.62 13.24 41.21
N THR B 46 4.23 12.46 42.10
CA THR B 46 5.62 12.05 41.86
C THR B 46 5.66 11.00 40.75
N PRO B 47 6.47 11.20 39.72
CA PRO B 47 6.47 10.28 38.59
C PRO B 47 7.48 9.16 38.79
N PRO B 48 7.31 8.05 38.09
CA PRO B 48 8.33 6.99 38.15
C PRO B 48 9.64 7.46 37.51
N ARG B 49 10.75 6.93 38.02
CA ARG B 49 12.05 7.26 37.45
C ARG B 49 12.94 6.04 37.32
N THR B 50 12.94 5.18 38.34
CA THR B 50 13.89 4.09 38.42
C THR B 50 13.31 2.82 37.81
N ALA B 51 14.21 1.88 37.50
CA ALA B 51 13.75 0.55 37.11
C ALA B 51 12.84 -0.05 38.17
N ASP B 52 13.08 0.27 39.44
CA ASP B 52 12.24 -0.27 40.51
C ASP B 52 10.91 0.47 40.64
N ASP B 53 10.85 1.74 40.22
CA ASP B 53 9.55 2.43 40.20
C ASP B 53 8.58 1.78 39.22
N PHE B 54 9.10 1.06 38.23
CA PHE B 54 8.26 0.50 37.18
C PHE B 54 7.19 -0.43 37.73
N ALA B 55 7.43 -1.05 38.89
CA ALA B 55 6.50 -2.04 39.42
C ALA B 55 5.13 -1.44 39.77
N GLY B 56 5.08 -0.15 40.08
CA GLY B 56 3.83 0.48 40.44
C GLY B 56 3.13 1.24 39.33
N VAL B 57 3.56 1.09 38.08
CA VAL B 57 3.01 1.90 36.99
C VAL B 57 1.69 1.29 36.52
N GLU B 58 0.69 2.14 36.38
CA GLU B 58 -0.63 1.71 35.95
C GLU B 58 -0.62 1.29 34.48
N LEU B 59 -1.53 0.39 34.13
CA LEU B 59 -1.62 -0.04 32.75
C LEU B 59 -2.07 1.11 31.85
N THR B 60 -1.72 0.98 30.57
CA THR B 60 -2.26 1.82 29.51
C THR B 60 -3.14 0.93 28.63
N THR B 61 -4.36 1.38 28.37
CA THR B 61 -5.32 0.54 27.66
C THR B 61 -5.45 0.97 26.20
N LYS B 62 -6.10 0.11 25.43
CA LYS B 62 -6.41 0.48 24.06
C LYS B 62 -7.38 1.66 24.03
N GLN B 63 -8.29 1.75 25.02
CA GLN B 63 -9.14 2.92 25.10
C GLN B 63 -8.33 4.19 25.36
N ASP B 64 -7.24 4.09 26.12
CA ASP B 64 -6.37 5.26 26.31
C ASP B 64 -5.83 5.74 24.97
N LEU B 65 -5.30 4.82 24.16
CA LEU B 65 -4.76 5.22 22.86
C LEU B 65 -5.82 5.89 22.00
N ARG B 66 -7.05 5.37 22.03
CA ARG B 66 -8.13 5.98 21.24
C ARG B 66 -8.46 7.38 21.74
N ASP B 67 -8.57 7.53 23.06
CA ASP B 67 -8.82 8.83 23.68
C ASP B 67 -7.77 9.86 23.31
N GLN B 68 -6.56 9.44 22.94
CA GLN B 68 -5.47 10.38 22.65
C GLN B 68 -5.31 10.68 21.17
N TYR B 69 -6.26 10.29 20.33
CA TYR B 69 -6.18 10.62 18.90
C TYR B 69 -6.11 12.13 18.68
N PRO B 70 -5.15 12.60 17.86
CA PRO B 70 -4.13 11.81 17.16
C PRO B 70 -2.76 11.72 17.85
N PHE B 71 -2.28 12.78 18.50
CA PHE B 71 -0.90 12.77 18.96
C PHE B 71 -0.78 12.92 20.48
N GLY B 72 -1.77 12.40 21.21
CA GLY B 72 -1.70 12.47 22.66
C GLY B 72 -0.52 11.71 23.24
N MET B 73 -0.07 10.65 22.56
CA MET B 73 1.01 9.79 23.02
C MET B 73 2.37 10.18 22.45
N LEU B 74 2.46 11.33 21.79
CA LEU B 74 3.67 11.74 21.09
C LEU B 74 4.70 12.31 22.07
N ALA B 75 5.92 11.76 22.04
CA ALA B 75 6.98 12.22 22.92
C ALA B 75 8.15 12.88 22.20
N VAL B 76 8.05 13.07 20.88
CA VAL B 76 9.07 13.79 20.10
C VAL B 76 8.37 14.83 19.23
N GLU B 77 9.17 15.75 18.69
CA GLU B 77 8.67 16.70 17.71
C GLU B 77 8.29 15.98 16.43
N ARG B 78 7.26 16.50 15.76
CA ARG B 78 6.80 15.87 14.52
C ARG B 78 7.91 15.78 13.50
N GLU B 79 8.87 16.73 13.51
CA GLU B 79 9.99 16.65 12.55
C GLU B 79 10.71 15.31 12.62
N ARG B 80 10.72 14.67 13.79
CA ARG B 80 11.42 13.40 13.94
C ARG B 80 10.61 12.19 13.47
N LEU B 81 9.32 12.36 13.19
CA LEU B 81 8.50 11.22 12.78
C LEU B 81 8.86 10.77 11.38
N ALA B 82 8.97 9.44 11.18
CA ALA B 82 9.13 8.86 9.86
C ALA B 82 7.80 8.50 9.21
N THR B 83 6.97 7.71 9.91
CA THR B 83 5.66 7.30 9.41
C THR B 83 4.62 7.43 10.53
N TYR B 84 3.37 7.52 10.09
CA TYR B 84 2.20 7.59 10.96
C TYR B 84 1.26 6.49 10.53
N HIS B 85 0.59 5.84 11.49
CA HIS B 85 -0.28 4.74 11.15
C HIS B 85 -1.56 4.80 11.98
N GLU B 86 -2.58 4.08 11.49
CA GLU B 86 -3.85 3.92 12.19
C GLU B 86 -4.33 2.48 12.03
N SER B 87 -5.12 2.04 13.02
CA SER B 87 -5.91 0.81 12.90
C SER B 87 -7.33 1.15 13.34
N SER B 88 -8.31 0.51 12.73
CA SER B 88 -9.69 0.78 13.11
C SER B 88 -10.37 -0.47 13.66
N GLY B 89 -11.50 -0.25 14.31
CA GLY B 89 -12.31 -1.31 14.88
C GLY B 89 -13.71 -0.83 15.19
N ASP B 93 -13.41 5.52 15.78
CA ASP B 93 -12.50 5.47 16.92
C ASP B 93 -11.10 4.99 16.55
N PRO B 94 -10.36 5.77 15.76
CA PRO B 94 -9.06 5.27 15.26
C PRO B 94 -8.00 5.28 16.34
N THR B 95 -7.13 4.28 16.26
CA THR B 95 -5.97 4.13 17.13
C THR B 95 -4.73 4.53 16.34
N ALA B 96 -4.14 5.68 16.70
CA ALA B 96 -2.98 6.22 16.01
C ALA B 96 -1.69 5.63 16.57
N SER B 97 -0.71 5.39 15.69
CA SER B 97 0.65 5.11 16.12
C SER B 97 1.62 5.76 15.13
N TYR B 98 2.88 5.92 15.56
CA TYR B 98 3.89 6.63 14.74
C TYR B 98 5.27 6.32 15.31
N TYR B 99 6.29 6.57 14.47
CA TYR B 99 7.61 6.03 14.69
C TYR B 99 8.67 6.94 14.10
N THR B 100 9.79 7.09 14.81
CA THR B 100 10.99 7.69 14.22
C THR B 100 11.66 6.68 13.29
N GLN B 101 12.78 7.08 12.67
CA GLN B 101 13.49 6.13 11.83
C GLN B 101 14.28 5.14 12.68
N GLU B 102 14.82 5.57 13.83
CA GLU B 102 15.46 4.60 14.73
C GLU B 102 14.44 3.61 15.27
N ASP B 103 13.23 4.09 15.59
CA ASP B 103 12.14 3.19 15.96
C ASP B 103 11.90 2.15 14.88
N TRP B 104 11.97 2.57 13.61
CA TRP B 104 11.68 1.64 12.52
C TRP B 104 12.76 0.58 12.39
N THR B 105 14.00 0.90 12.75
CA THR B 105 15.04 -0.11 12.77
C THR B 105 14.71 -1.21 13.78
N ASP B 106 14.21 -0.84 14.96
CA ASP B 106 13.79 -1.85 15.93
C ASP B 106 12.63 -2.69 15.40
N LEU B 107 11.61 -2.03 14.82
CA LEU B 107 10.49 -2.76 14.23
C LEU B 107 10.96 -3.72 13.15
N ALA B 108 11.82 -3.25 12.25
CA ALA B 108 12.28 -4.09 11.14
C ALA B 108 13.06 -5.29 11.63
N GLU B 109 13.95 -5.09 12.62
CA GLU B 109 14.75 -6.20 13.13
C GLU B 109 13.87 -7.23 13.84
N ARG B 110 12.84 -6.77 14.55
CA ARG B 110 11.97 -7.72 15.22
C ARG B 110 11.18 -8.56 14.22
N PHE B 111 10.69 -7.95 13.13
CA PHE B 111 10.01 -8.76 12.13
C PHE B 111 10.99 -9.72 11.46
N ALA B 112 12.20 -9.24 11.16
CA ALA B 112 13.20 -10.04 10.47
C ALA B 112 13.67 -11.27 11.27
N ARG B 113 13.27 -11.41 12.54
CA ARG B 113 13.65 -12.58 13.34
C ARG B 113 12.75 -13.77 12.97
N LYS B 114 12.96 -14.25 11.75
CA LYS B 114 12.27 -15.41 11.20
C LYS B 114 13.24 -16.57 11.15
N TRP B 115 12.85 -17.72 11.73
CA TRP B 115 13.84 -18.79 11.90
C TRP B 115 14.30 -19.35 10.57
N THR B 116 13.51 -19.16 9.51
CA THR B 116 13.88 -19.50 8.14
C THR B 116 14.82 -18.49 7.52
N GLY B 117 15.02 -17.34 8.15
CA GLY B 117 15.84 -16.28 7.59
C GLY B 117 15.16 -15.55 6.46
N ILE B 118 15.71 -14.37 6.14
CA ILE B 118 15.36 -13.60 4.95
C ILE B 118 16.67 -13.18 4.28
N HIS B 119 16.77 -13.40 2.97
CA HIS B 119 18.03 -13.25 2.27
C HIS B 119 17.83 -12.49 0.96
N PRO B 120 18.91 -11.95 0.39
CA PRO B 120 18.80 -11.28 -0.92
C PRO B 120 18.32 -12.19 -2.04
N SER B 121 18.55 -13.51 -1.94
CA SER B 121 18.05 -14.45 -2.91
C SER B 121 16.54 -14.65 -2.80
N ASP B 122 15.90 -14.03 -1.82
CA ASP B 122 14.47 -14.20 -1.64
C ASP B 122 13.66 -13.19 -2.44
N THR B 123 12.50 -13.64 -2.89
CA THR B 123 11.48 -12.79 -3.48
C THR B 123 10.27 -12.89 -2.57
N PHE B 124 9.92 -11.76 -1.95
CA PHE B 124 9.07 -11.69 -0.76
C PHE B 124 7.78 -11.02 -1.18
N LEU B 125 6.68 -11.78 -1.22
CA LEU B 125 5.38 -11.22 -1.57
C LEU B 125 4.67 -10.75 -0.31
N VAL B 126 4.44 -9.45 -0.23
CA VAL B 126 3.84 -8.78 0.93
C VAL B 126 2.34 -8.65 0.63
N ARG B 127 1.55 -9.52 1.23
CA ARG B 127 0.13 -9.66 0.91
C ARG B 127 -0.71 -9.27 2.13
N THR B 128 -0.43 -8.09 2.67
CA THR B 128 -1.16 -7.49 3.77
C THR B 128 -1.38 -6.04 3.41
N PRO B 129 -2.29 -5.34 4.10
CA PRO B 129 -2.66 -4.00 3.65
C PRO B 129 -1.55 -2.97 3.88
N TYR B 130 -1.48 -2.01 2.97
CA TYR B 130 -0.65 -0.82 3.13
C TYR B 130 -1.46 0.43 3.46
N GLY B 131 -2.79 0.34 3.45
CA GLY B 131 -3.60 1.50 3.76
C GLY B 131 -3.68 1.78 5.25
N LEU B 132 -2.97 2.82 5.70
CA LEU B 132 -2.90 3.35 7.07
C LEU B 132 -2.26 2.39 8.08
N VAL B 133 -2.69 1.11 8.11
CA VAL B 133 -2.12 0.15 9.08
C VAL B 133 -0.65 -0.11 8.77
N ILE B 134 0.09 -0.51 9.81
CA ILE B 134 1.54 -0.72 9.70
C ILE B 134 1.92 -1.99 8.94
N THR B 135 0.99 -2.93 8.77
CA THR B 135 1.35 -4.32 8.49
CA THR B 135 1.36 -4.32 8.50
C THR B 135 2.20 -4.46 7.23
N GLY B 136 1.68 -4.01 6.09
CA GLY B 136 2.44 -4.14 4.84
C GLY B 136 3.79 -3.42 4.88
N HIS B 137 3.80 -2.22 5.46
CA HIS B 137 5.04 -1.45 5.58
C HIS B 137 6.07 -2.15 6.44
N LEU B 138 5.63 -2.81 7.51
CA LEU B 138 6.54 -3.51 8.39
C LEU B 138 7.26 -4.63 7.66
N ALA B 139 6.51 -5.47 6.96
CA ALA B 139 7.13 -6.57 6.25
C ALA B 139 8.04 -6.06 5.14
N GLN B 140 7.60 -4.99 4.45
CA GLN B 140 8.44 -4.42 3.40
C GLN B 140 9.72 -3.85 3.97
N ALA B 141 9.63 -3.13 5.09
CA ALA B 141 10.83 -2.63 5.75
C ALA B 141 11.77 -3.76 6.12
N ALA B 142 11.24 -4.83 6.73
CA ALA B 142 12.08 -5.97 7.08
C ALA B 142 12.69 -6.61 5.84
N GLY B 143 11.89 -6.77 4.78
CA GLY B 143 12.42 -7.34 3.55
C GLY B 143 13.58 -6.52 3.02
N ARG B 144 13.45 -5.20 3.03
CA ARG B 144 14.52 -4.35 2.53
C ARG B 144 15.74 -4.40 3.44
N LEU B 145 15.52 -4.47 4.76
CA LEU B 145 16.65 -4.55 5.68
C LEU B 145 17.54 -5.75 5.37
N ARG B 146 16.94 -6.89 5.02
CA ARG B 146 17.70 -8.11 4.74
C ARG B 146 18.06 -8.29 3.28
N GLY B 147 17.72 -7.33 2.41
CA GLY B 147 18.07 -7.40 1.01
C GLY B 147 17.13 -8.19 0.12
N ALA B 148 16.03 -8.72 0.66
CA ALA B 148 15.09 -9.49 -0.14
C ALA B 148 14.42 -8.61 -1.19
N THR B 149 14.09 -9.21 -2.33
CA THR B 149 13.33 -8.55 -3.38
C THR B 149 11.87 -8.49 -2.92
N VAL B 150 11.36 -7.28 -2.63
CA VAL B 150 10.01 -7.16 -2.12
C VAL B 150 9.03 -6.95 -3.27
N VAL B 151 7.95 -7.70 -3.27
CA VAL B 151 6.85 -7.61 -4.22
C VAL B 151 5.64 -7.08 -3.44
N PRO B 152 5.22 -5.82 -3.65
CA PRO B 152 4.18 -5.27 -2.77
C PRO B 152 2.79 -5.67 -3.23
N GLY B 153 2.27 -6.78 -2.69
CA GLY B 153 0.97 -7.23 -3.13
C GLY B 153 -0.17 -6.38 -2.60
N ASP B 154 0.01 -5.77 -1.43
CA ASP B 154 -1.07 -5.05 -0.76
C ASP B 154 -2.18 -6.04 -0.45
N ALA B 155 -3.32 -5.54 0.01
CA ALA B 155 -4.44 -6.41 0.33
C ALA B 155 -5.63 -5.50 0.55
N ARG B 156 -6.84 -6.02 0.28
CA ARG B 156 -8.03 -5.18 0.24
C ARG B 156 -7.89 -4.09 -0.81
N SER B 157 -7.03 -4.31 -1.79
CA SER B 157 -6.76 -3.36 -2.86
C SER B 157 -7.36 -3.90 -4.15
N LEU B 158 -8.13 -3.07 -4.85
CA LEU B 158 -8.76 -3.53 -6.09
C LEU B 158 -7.73 -3.84 -7.17
N ALA B 159 -6.51 -3.32 -7.02
CA ALA B 159 -5.47 -3.60 -8.00
C ALA B 159 -4.96 -5.03 -7.90
N THR B 160 -5.17 -5.72 -6.79
CA THR B 160 -4.47 -6.98 -6.52
C THR B 160 -5.41 -8.06 -6.00
N PRO B 161 -6.35 -8.51 -6.84
CA PRO B 161 -7.24 -9.61 -6.41
C PRO B 161 -6.45 -10.92 -6.32
N LEU B 162 -7.09 -11.90 -5.67
CA LEU B 162 -6.45 -13.20 -5.47
C LEU B 162 -5.90 -13.79 -6.76
N SER B 163 -6.68 -13.76 -7.84
CA SER B 163 -6.23 -14.39 -9.08
C SER B 163 -4.90 -13.81 -9.54
N ARG B 164 -4.68 -12.53 -9.29
CA ARG B 164 -3.43 -11.90 -9.71
C ARG B 164 -2.27 -12.30 -8.80
N MET B 165 -2.52 -12.40 -7.50
CA MET B 165 -1.50 -12.87 -6.57
C MET B 165 -1.04 -14.29 -6.90
N VAL B 166 -1.99 -15.17 -7.26
CA VAL B 166 -1.65 -16.53 -7.69
C VAL B 166 -0.70 -16.48 -8.88
N ARG B 167 -1.04 -15.67 -9.89
CA ARG B 167 -0.17 -15.54 -11.04
C ARG B 167 1.22 -15.06 -10.65
N VAL B 168 1.27 -14.06 -9.75
CA VAL B 168 2.55 -13.48 -9.34
C VAL B 168 3.37 -14.49 -8.55
N LEU B 169 2.73 -15.22 -7.63
CA LEU B 169 3.41 -16.32 -6.93
C LEU B 169 4.17 -17.22 -7.89
N LYS B 170 3.53 -17.63 -8.99
CA LYS B 170 4.17 -18.55 -9.90
C LYS B 170 5.12 -17.84 -10.87
N SER B 171 4.70 -16.71 -11.47
CA SER B 171 5.51 -16.05 -12.50
C SER B 171 6.84 -15.56 -11.94
N LEU B 172 6.84 -15.07 -10.71
CA LEU B 172 8.04 -14.47 -10.14
C LEU B 172 8.83 -15.44 -9.27
N ASP B 173 8.43 -16.71 -9.21
CA ASP B 173 9.08 -17.69 -8.36
C ASP B 173 9.23 -17.18 -6.93
N VAL B 174 8.13 -16.68 -6.37
CA VAL B 174 8.13 -16.14 -5.01
C VAL B 174 8.60 -17.20 -4.03
N THR B 175 9.50 -16.81 -3.13
CA THR B 175 10.06 -17.74 -2.16
C THR B 175 9.50 -17.55 -0.76
N LEU B 176 9.02 -16.34 -0.42
CA LEU B 176 8.49 -16.02 0.91
C LEU B 176 7.21 -15.22 0.74
N THR B 177 6.21 -15.52 1.56
CA THR B 177 4.96 -14.78 1.57
C THR B 177 4.69 -14.26 2.97
N TRP B 178 3.91 -13.19 3.05
CA TRP B 178 3.42 -12.66 4.31
C TRP B 178 1.94 -12.34 4.16
N CYS B 179 1.10 -13.00 4.94
CA CYS B 179 -0.34 -12.77 4.93
C CYS B 179 -0.96 -13.49 6.12
N ASN B 180 -2.22 -13.20 6.39
CA ASN B 180 -2.83 -13.82 7.56
C ASN B 180 -3.24 -15.27 7.22
N PRO B 181 -3.51 -16.10 8.23
CA PRO B 181 -3.74 -17.54 7.95
C PRO B 181 -4.97 -17.80 7.10
N THR B 182 -6.06 -17.03 7.30
CA THR B 182 -7.20 -17.16 6.40
C THR B 182 -6.80 -16.86 4.96
N GLU B 183 -5.88 -15.90 4.77
CA GLU B 183 -5.44 -15.59 3.41
C GLU B 183 -4.61 -16.72 2.83
N ILE B 184 -3.91 -17.50 3.66
CA ILE B 184 -3.15 -18.62 3.13
C ILE B 184 -4.10 -19.63 2.46
N THR B 185 -5.26 -19.88 3.05
CA THR B 185 -6.22 -20.78 2.39
C THR B 185 -6.96 -20.11 1.23
N MET B 186 -7.20 -18.80 1.30
CA MET B 186 -7.77 -18.09 0.16
C MET B 186 -6.87 -18.20 -1.07
N LEU B 187 -5.56 -17.97 -0.88
CA LEU B 187 -4.64 -18.12 -2.01
C LEU B 187 -4.60 -19.55 -2.53
N ALA B 188 -4.78 -20.53 -1.66
CA ALA B 188 -4.79 -21.92 -2.11
C ALA B 188 -6.06 -22.22 -2.89
N ALA B 189 -7.21 -21.75 -2.40
CA ALA B 189 -8.45 -21.93 -3.14
C ALA B 189 -8.36 -21.23 -4.50
N ALA B 190 -7.72 -20.04 -4.53
CA ALA B 190 -7.55 -19.31 -5.78
C ALA B 190 -6.58 -20.02 -6.72
N ALA B 191 -5.49 -20.58 -6.20
CA ALA B 191 -4.58 -21.33 -7.06
C ALA B 191 -5.29 -22.50 -7.75
N LYS B 192 -6.17 -23.21 -7.03
CA LYS B 192 -6.86 -24.36 -7.62
C LYS B 192 -7.88 -23.92 -8.66
N ALA B 193 -8.55 -22.78 -8.42
CA ALA B 193 -9.46 -22.23 -9.42
C ALA B 193 -8.73 -21.78 -10.68
N ALA B 194 -7.43 -21.55 -10.60
CA ALA B 194 -6.61 -21.27 -11.76
C ALA B 194 -5.98 -22.52 -12.33
N GLY B 195 -6.44 -23.70 -11.93
CA GLY B 195 -5.84 -24.92 -12.42
C GLY B 195 -4.43 -25.15 -11.93
N LEU B 196 -4.05 -24.53 -10.82
CA LEU B 196 -2.77 -24.77 -10.20
C LEU B 196 -2.95 -25.58 -8.91
N ARG B 197 -1.94 -26.38 -8.58
CA ARG B 197 -1.96 -27.17 -7.35
C ARG B 197 -1.03 -26.55 -6.33
N PRO B 198 -1.55 -26.04 -5.21
CA PRO B 198 -0.67 -25.40 -4.22
C PRO B 198 0.40 -26.32 -3.66
N ASP B 199 0.19 -27.65 -3.67
CA ASP B 199 1.15 -28.55 -3.05
C ASP B 199 2.30 -28.96 -3.99
N ARG B 200 2.25 -28.60 -5.27
CA ARG B 200 3.38 -28.93 -6.13
C ARG B 200 3.71 -27.93 -7.22
N ASP B 201 2.81 -27.02 -7.61
CA ASP B 201 3.06 -26.13 -8.74
C ASP B 201 3.80 -24.84 -8.37
N PHE B 202 4.29 -24.72 -7.13
CA PHE B 202 5.01 -23.52 -6.69
C PHE B 202 6.36 -23.93 -6.11
N PRO B 203 7.29 -24.38 -6.95
CA PRO B 203 8.53 -24.98 -6.45
C PRO B 203 9.44 -24.01 -5.69
N ALA B 204 9.37 -22.72 -5.98
CA ALA B 204 10.26 -21.78 -5.32
C ALA B 204 9.80 -21.39 -3.93
N LEU B 205 8.51 -21.51 -3.61
CA LEU B 205 8.01 -21.14 -2.29
C LEU B 205 8.73 -21.96 -1.21
N ARG B 206 9.43 -21.28 -0.29
CA ARG B 206 10.17 -22.00 0.74
C ARG B 206 9.71 -21.72 2.16
N ALA B 207 8.88 -20.70 2.38
CA ALA B 207 8.36 -20.40 3.72
C ALA B 207 7.23 -19.39 3.62
N MET B 208 6.19 -19.57 4.45
CA MET B 208 5.07 -18.64 4.51
C MET B 208 5.00 -18.04 5.91
N PHE B 209 5.09 -16.72 6.00
CA PHE B 209 5.01 -16.03 7.28
C PHE B 209 3.56 -15.62 7.54
N THR B 210 3.13 -15.73 8.80
CA THR B 210 1.75 -15.43 9.13
C THR B 210 1.64 -15.02 10.60
N ALA B 211 0.47 -14.50 10.97
CA ALA B 211 0.23 -13.98 12.31
C ALA B 211 -0.59 -14.95 13.16
N ALA B 212 -0.52 -14.75 14.47
CA ALA B 212 -1.42 -15.45 15.41
C ALA B 212 -2.78 -14.78 15.32
N GLU B 213 -3.62 -15.29 14.41
CA GLU B 213 -4.98 -14.86 14.17
C GLU B 213 -5.82 -15.60 15.21
N PRO B 214 -5.31 -15.71 16.42
CA PRO B 214 -5.19 -17.03 17.04
C PRO B 214 -5.09 -18.16 16.02
N LEU B 215 -3.99 -18.89 16.02
CA LEU B 215 -3.76 -20.00 15.09
C LEU B 215 -3.38 -21.26 15.88
N THR B 216 -4.25 -22.27 15.86
CA THR B 216 -3.93 -23.56 16.48
C THR B 216 -2.85 -24.29 15.68
N GLU B 217 -2.10 -25.16 16.37
CA GLU B 217 -1.12 -25.99 15.69
C GLU B 217 -1.77 -26.92 14.67
N VAL B 218 -2.97 -27.43 14.97
CA VAL B 218 -3.68 -28.27 14.01
C VAL B 218 -3.84 -27.56 12.67
N ARG B 219 -4.39 -26.34 12.71
CA ARG B 219 -4.59 -25.57 11.49
C ARG B 219 -3.26 -25.19 10.84
N ARG B 220 -2.29 -24.72 11.64
CA ARG B 220 -1.00 -24.35 11.07
C ARG B 220 -0.37 -25.50 10.30
N ARG B 221 -0.42 -26.72 10.84
CA ARG B 221 0.17 -27.81 10.09
C ARG B 221 -0.66 -28.14 8.85
N ARG B 222 -1.99 -27.99 8.93
CA ARG B 222 -2.78 -28.18 7.72
C ARG B 222 -2.44 -27.12 6.65
N LEU B 223 -2.21 -25.87 7.07
CA LEU B 223 -1.85 -24.86 6.08
C LEU B 223 -0.54 -25.24 5.40
N SER B 224 0.43 -25.73 6.16
CA SER B 224 1.70 -26.15 5.58
C SER B 224 1.49 -27.26 4.57
N GLU B 225 0.67 -28.27 4.93
CA GLU B 225 0.45 -29.40 4.05
C GLU B 225 -0.27 -28.99 2.77
N ILE B 226 -1.23 -28.08 2.87
CA ILE B 226 -1.88 -27.56 1.66
C ILE B 226 -0.85 -27.02 0.69
N TRP B 227 0.14 -26.30 1.20
CA TRP B 227 1.18 -25.72 0.34
C TRP B 227 2.39 -26.61 0.20
N GLY B 228 2.20 -27.93 0.27
CA GLY B 228 3.25 -28.88 -0.03
C GLY B 228 4.29 -29.07 1.04
N GLY B 229 4.00 -28.75 2.29
CA GLY B 229 4.94 -28.96 3.37
C GLY B 229 5.85 -27.79 3.68
N VAL B 230 5.67 -26.64 3.03
CA VAL B 230 6.55 -25.52 3.35
C VAL B 230 6.32 -25.08 4.80
N PRO B 231 7.34 -24.63 5.51
CA PRO B 231 7.12 -24.14 6.88
C PRO B 231 6.22 -22.91 6.89
N VAL B 232 5.24 -22.93 7.77
CA VAL B 232 4.38 -21.80 8.06
C VAL B 232 4.90 -21.22 9.37
N VAL B 233 5.49 -20.02 9.29
CA VAL B 233 6.22 -19.41 10.38
C VAL B 233 5.32 -18.35 11.01
N GLU B 234 4.86 -18.63 12.22
CA GLU B 234 3.91 -17.78 12.91
C GLU B 234 4.63 -16.72 13.77
N GLU B 235 4.07 -15.52 13.77
CA GLU B 235 4.51 -14.48 14.68
C GLU B 235 3.31 -13.95 15.45
N TYR B 236 3.59 -13.25 16.55
CA TYR B 236 2.54 -12.63 17.36
C TYR B 236 2.83 -11.15 17.48
N GLY B 237 1.86 -10.33 17.11
CA GLY B 237 2.02 -8.90 17.15
C GLY B 237 0.67 -8.23 17.11
N SER B 238 0.70 -6.91 17.04
CA SER B 238 -0.53 -6.15 16.92
C SER B 238 -0.24 -4.95 16.04
N THR B 239 -1.31 -4.37 15.50
CA THR B 239 -1.16 -3.21 14.63
C THR B 239 -0.48 -2.04 15.35
N GLU B 240 -0.42 -2.06 16.69
CA GLU B 240 0.19 -0.98 17.45
C GLU B 240 1.63 -1.25 17.89
N THR B 241 2.04 -2.52 17.97
CA THR B 241 3.34 -2.87 18.52
C THR B 241 4.31 -3.45 17.50
N GLY B 242 3.81 -3.85 16.33
CA GLY B 242 4.66 -4.66 15.50
C GLY B 242 4.85 -6.01 16.17
N THR B 243 5.87 -6.72 15.72
CA THR B 243 6.11 -8.10 16.13
C THR B 243 6.67 -8.15 17.54
N ILE B 244 6.02 -8.92 18.42
CA ILE B 244 6.52 -9.11 19.77
C ILE B 244 6.92 -10.54 20.08
N ALA B 245 6.60 -11.51 19.21
CA ALA B 245 7.02 -12.89 19.40
C ALA B 245 7.09 -13.58 18.04
N GLY B 246 8.03 -14.49 17.89
CA GLY B 246 8.17 -15.26 16.65
C GLY B 246 8.48 -16.71 16.93
N GLN B 247 8.11 -17.57 15.98
CA GLN B 247 8.25 -19.00 16.15
C GLN B 247 9.69 -19.46 16.00
N CYS B 248 10.08 -20.45 16.80
CA CYS B 248 11.36 -21.15 16.65
C CYS B 248 11.16 -22.39 15.78
N PRO B 249 12.26 -23.03 15.33
CA PRO B 249 12.10 -24.27 14.56
C PRO B 249 11.32 -25.35 15.30
N GLU B 250 11.36 -25.36 16.63
CA GLU B 250 10.61 -26.32 17.42
C GLU B 250 9.12 -25.97 17.53
N GLY B 251 8.68 -24.89 16.91
CA GLY B 251 7.26 -24.59 16.83
C GLY B 251 6.70 -23.77 17.97
N ARG B 252 7.54 -23.27 18.86
CA ARG B 252 7.08 -22.38 19.93
C ARG B 252 7.35 -20.93 19.56
N MET B 253 6.51 -20.04 20.10
CA MET B 253 6.61 -18.62 19.84
C MET B 253 7.31 -17.94 21.01
N HIS B 254 8.47 -17.34 20.73
CA HIS B 254 9.36 -16.78 21.74
C HIS B 254 9.17 -15.26 21.80
N LEU B 255 8.85 -14.75 23.00
CA LEU B 255 8.71 -13.31 23.19
C LEU B 255 10.06 -12.63 23.01
N TRP B 256 10.08 -11.55 22.23
CA TRP B 256 11.31 -10.79 21.99
C TRP B 256 11.59 -9.87 23.19
N ALA B 257 11.84 -10.50 24.34
CA ALA B 257 11.99 -9.79 25.61
C ALA B 257 13.26 -8.96 25.70
N ASP B 258 14.20 -9.12 24.75
CA ASP B 258 15.34 -8.21 24.69
C ASP B 258 14.96 -6.83 24.16
N ARG B 259 13.77 -6.68 23.60
CA ARG B 259 13.32 -5.42 23.04
C ARG B 259 12.04 -4.89 23.68
N ALA B 260 11.50 -5.58 24.69
CA ALA B 260 10.31 -5.15 25.41
C ALA B 260 10.21 -5.94 26.70
N VAL B 261 9.60 -5.32 27.71
CA VAL B 261 9.28 -6.02 28.96
C VAL B 261 7.86 -6.56 28.84
N PHE B 262 7.73 -7.89 28.91
CA PHE B 262 6.43 -8.55 28.82
C PHE B 262 5.95 -8.99 30.19
N GLU B 263 4.67 -8.78 30.48
CA GLU B 263 4.06 -9.19 31.73
C GLU B 263 2.64 -9.68 31.48
N VAL B 264 2.16 -10.52 32.39
CA VAL B 264 0.84 -11.15 32.31
C VAL B 264 -0.06 -10.51 33.39
N TYR B 265 -1.24 -10.07 32.99
CA TYR B 265 -2.16 -9.35 33.86
C TYR B 265 -3.38 -10.21 34.18
N ASP B 266 -3.73 -10.28 35.47
CA ASP B 266 -4.94 -10.97 35.92
C ASP B 266 -6.04 -9.95 36.17
N PRO B 267 -7.16 -9.99 35.43
CA PRO B 267 -8.17 -8.93 35.60
C PRO B 267 -8.92 -9.01 36.91
N ALA B 268 -9.07 -10.20 37.49
CA ALA B 268 -9.79 -10.33 38.75
C ALA B 268 -8.96 -9.80 39.92
N THR B 269 -7.73 -10.29 40.06
CA THR B 269 -6.88 -9.87 41.16
C THR B 269 -6.24 -8.50 40.93
N GLY B 270 -6.07 -8.10 39.68
CA GLY B 270 -5.35 -6.88 39.36
C GLY B 270 -3.84 -7.02 39.39
N GLU B 271 -3.32 -8.23 39.56
CA GLU B 271 -1.90 -8.46 39.73
C GLU B 271 -1.20 -8.61 38.38
N LEU B 272 0.03 -8.11 38.32
CA LEU B 272 0.89 -8.35 37.18
C LEU B 272 1.86 -9.47 37.53
N SER B 273 2.11 -10.34 36.56
CA SER B 273 2.98 -11.48 36.75
C SER B 273 3.89 -11.63 35.54
N GLU B 274 5.01 -12.31 35.76
CA GLU B 274 5.99 -12.51 34.69
C GLU B 274 5.63 -13.66 33.76
N ALA B 275 5.00 -14.71 34.29
CA ALA B 275 4.56 -15.86 33.50
C ALA B 275 3.13 -16.21 33.92
N GLY B 276 2.60 -17.26 33.31
CA GLY B 276 1.27 -17.73 33.61
C GLY B 276 0.23 -17.27 32.62
N ARG B 277 -1.02 -17.30 33.06
CA ARG B 277 -2.17 -17.05 32.21
C ARG B 277 -2.82 -15.71 32.56
N GLY B 278 -3.19 -14.96 31.53
CA GLY B 278 -3.79 -13.64 31.71
C GLY B 278 -3.74 -12.84 30.42
N GLN B 279 -3.76 -11.52 30.56
CA GLN B 279 -3.74 -10.63 29.42
C GLN B 279 -2.32 -10.11 29.17
N MET B 280 -1.93 -10.11 27.91
CA MET B 280 -0.58 -9.69 27.52
C MET B 280 -0.40 -8.19 27.73
N VAL B 281 0.62 -7.84 28.50
CA VAL B 281 1.01 -6.45 28.77
C VAL B 281 2.44 -6.28 28.31
N VAL B 282 2.74 -5.16 27.64
CA VAL B 282 4.01 -4.99 26.97
C VAL B 282 4.55 -3.59 27.24
N THR B 283 5.86 -3.49 27.45
CA THR B 283 6.57 -2.21 27.53
C THR B 283 7.72 -2.23 26.53
N PRO B 284 7.53 -1.67 25.34
CA PRO B 284 8.65 -1.59 24.38
C PRO B 284 9.80 -0.76 24.91
N LEU B 285 11.02 -1.18 24.57
CA LEU B 285 12.25 -0.58 25.09
C LEU B 285 12.94 0.34 24.09
N TYR B 286 12.57 0.26 22.81
CA TYR B 286 13.20 1.06 21.76
C TYR B 286 12.05 1.68 20.95
N ARG B 287 11.50 2.77 21.48
CA ARG B 287 10.27 3.35 20.93
C ARG B 287 10.15 4.79 21.39
N ASP B 288 10.89 5.70 20.75
CA ASP B 288 10.97 7.07 21.25
C ASP B 288 9.77 7.91 20.87
N ALA B 289 9.20 7.69 19.68
CA ALA B 289 8.15 8.58 19.22
C ALA B 289 6.89 8.42 20.05
N MET B 290 6.45 7.18 20.26
CA MET B 290 5.18 6.89 20.92
C MET B 290 5.42 5.91 22.06
N PRO B 291 5.99 6.37 23.18
CA PRO B 291 6.34 5.43 24.25
C PRO B 291 5.10 4.85 24.92
N LEU B 292 5.18 3.58 25.28
CA LEU B 292 4.10 2.86 25.93
C LEU B 292 4.62 2.24 27.23
N LEU B 293 3.93 2.52 28.33
CA LEU B 293 4.26 1.90 29.61
C LEU B 293 3.15 0.90 29.94
N ARG B 294 3.48 -0.39 29.89
CA ARG B 294 2.54 -1.46 30.25
C ARG B 294 1.24 -1.33 29.46
N TYR B 295 1.37 -1.40 28.14
CA TYR B 295 0.20 -1.39 27.28
C TYR B 295 -0.48 -2.76 27.33
N ASN B 296 -1.74 -2.78 27.70
CA ASN B 296 -2.49 -4.04 27.78
C ASN B 296 -3.11 -4.32 26.42
N LEU B 297 -2.48 -5.24 25.66
CA LEU B 297 -3.04 -5.70 24.39
C LEU B 297 -4.41 -6.36 24.54
N ALA B 298 -4.80 -6.78 25.75
CA ALA B 298 -6.07 -7.44 26.02
C ALA B 298 -6.23 -8.75 25.26
N ASP B 299 -5.13 -9.36 24.80
CA ASP B 299 -5.15 -10.72 24.31
C ASP B 299 -4.98 -11.69 25.48
N GLU B 300 -5.80 -12.73 25.52
CA GLU B 300 -5.62 -13.80 26.50
C GLU B 300 -4.43 -14.66 26.08
N VAL B 301 -3.40 -14.74 26.92
CA VAL B 301 -2.20 -15.51 26.60
C VAL B 301 -1.81 -16.38 27.78
N GLU B 302 -0.90 -17.32 27.48
CA GLU B 302 -0.22 -18.12 28.48
C GLU B 302 1.27 -18.02 28.19
N VAL B 303 2.03 -17.56 29.18
CA VAL B 303 3.47 -17.34 29.04
C VAL B 303 4.19 -18.36 29.91
N SER B 304 5.20 -19.03 29.34
CA SER B 304 5.96 -20.06 30.02
C SER B 304 7.44 -19.72 29.98
N THR B 305 8.12 -19.96 31.10
CA THR B 305 9.56 -19.77 31.21
C THR B 305 10.35 -21.07 31.02
N ASP B 306 9.67 -22.19 30.76
CA ASP B 306 10.38 -23.43 30.51
C ASP B 306 11.32 -23.25 29.32
N PRO B 307 12.51 -23.84 29.36
CA PRO B 307 13.43 -23.70 28.23
C PRO B 307 12.95 -24.50 27.04
N CYS B 308 13.24 -24.01 25.90
CA CYS B 308 12.84 -24.72 24.70
C CYS B 308 14.05 -25.41 24.09
N PRO B 309 13.88 -26.61 23.52
CA PRO B 309 15.03 -27.30 22.91
C PRO B 309 15.70 -26.51 21.80
N CYS B 310 15.08 -25.45 21.27
CA CYS B 310 15.74 -24.66 20.24
C CYS B 310 16.94 -23.89 20.77
N GLY B 311 17.02 -23.70 22.09
CA GLY B 311 18.14 -23.02 22.71
C GLY B 311 17.98 -21.53 22.89
N TRP B 312 16.97 -20.90 22.27
CA TRP B 312 16.74 -19.47 22.45
C TRP B 312 16.35 -19.20 23.89
N LEU B 313 17.15 -18.42 24.60
CA LEU B 313 16.90 -18.16 26.01
C LEU B 313 15.94 -16.98 26.16
N LEU B 314 14.69 -17.23 25.75
CA LEU B 314 13.59 -16.30 25.87
C LEU B 314 12.33 -17.11 26.22
N PRO B 315 11.44 -16.54 27.02
CA PRO B 315 10.16 -17.23 27.31
C PRO B 315 9.33 -17.44 26.05
N THR B 316 8.30 -18.27 26.19
CA THR B 316 7.40 -18.55 25.09
C THR B 316 5.96 -18.24 25.48
N VAL B 317 5.11 -18.10 24.46
CA VAL B 317 3.76 -17.61 24.66
C VAL B 317 2.81 -18.37 23.75
N THR B 318 1.63 -18.68 24.29
CA THR B 318 0.52 -19.20 23.52
C THR B 318 -0.61 -18.19 23.54
N VAL B 319 -1.10 -17.83 22.36
CA VAL B 319 -2.18 -16.86 22.22
C VAL B 319 -3.49 -17.63 22.15
N LEU B 320 -4.30 -17.52 23.21
CA LEU B 320 -5.55 -18.28 23.31
C LEU B 320 -6.76 -17.48 22.89
N GLY B 321 -6.57 -16.32 22.28
CA GLY B 321 -7.66 -15.55 21.74
C GLY B 321 -7.82 -14.20 22.44
N ARG B 322 -8.81 -13.47 21.96
CA ARG B 322 -9.16 -12.16 22.51
C ARG B 322 -10.12 -12.37 23.67
N ALA B 323 -9.81 -11.74 24.81
CA ALA B 323 -10.54 -11.97 26.06
C ALA B 323 -12.04 -11.77 25.90
N GLY B 324 -12.80 -12.86 25.95
CA GLY B 324 -14.24 -12.77 25.82
C GLY B 324 -14.83 -13.70 24.77
N THR B 325 -14.00 -14.19 23.85
CA THR B 325 -14.46 -15.10 22.79
C THR B 325 -14.76 -16.50 23.29
N GLU B 326 -15.29 -16.61 24.51
CA GLU B 326 -15.63 -17.88 25.14
C GLU B 326 -17.14 -17.87 25.40
N HIS B 327 -17.88 -18.69 24.67
CA HIS B 327 -19.32 -18.75 24.77
C HIS B 327 -19.76 -20.07 25.38
N THR B 328 -21.02 -20.11 25.82
CA THR B 328 -21.61 -21.27 26.47
C THR B 328 -22.74 -21.83 25.62
N VAL B 329 -22.84 -23.15 25.58
CA VAL B 329 -23.97 -23.87 24.99
C VAL B 329 -24.12 -25.18 25.75
N GLY B 330 -25.37 -25.56 26.00
CA GLY B 330 -25.62 -26.71 26.86
C GLY B 330 -25.03 -26.43 28.22
N SER B 331 -24.07 -27.25 28.64
CA SER B 331 -23.37 -27.08 29.91
C SER B 331 -21.86 -27.11 29.70
N ALA B 332 -21.36 -26.33 28.73
CA ALA B 332 -19.94 -26.36 28.44
C ALA B 332 -19.50 -25.06 27.78
N THR B 333 -18.19 -24.84 27.82
CA THR B 333 -17.58 -23.68 27.20
C THR B 333 -17.08 -24.04 25.80
N VAL B 334 -17.39 -23.18 24.83
CA VAL B 334 -16.98 -23.37 23.45
C VAL B 334 -16.12 -22.20 23.06
N THR B 335 -14.89 -22.48 22.66
CA THR B 335 -14.02 -21.45 22.14
C THR B 335 -13.83 -21.65 20.64
N GLN B 336 -13.49 -20.56 19.94
CA GLN B 336 -13.13 -20.67 18.54
C GLN B 336 -11.94 -21.59 18.35
N GLN B 337 -10.97 -21.53 19.28
CA GLN B 337 -9.77 -22.34 19.16
C GLN B 337 -10.09 -23.83 19.25
N ARG B 338 -10.94 -24.21 20.19
CA ARG B 338 -11.29 -25.62 20.33
C ARG B 338 -12.07 -26.12 19.11
N LEU B 339 -13.02 -25.31 18.62
CA LEU B 339 -13.75 -25.67 17.41
C LEU B 339 -12.80 -25.78 16.21
N GLU B 340 -11.89 -24.80 16.06
CA GLU B 340 -10.93 -24.80 14.97
C GLU B 340 -10.11 -26.10 14.95
N GLU B 341 -9.65 -26.54 16.12
CA GLU B 341 -8.94 -27.81 16.20
C GLU B 341 -9.77 -28.95 15.62
N LEU B 342 -11.06 -29.00 15.96
CA LEU B 342 -11.88 -30.10 15.48
C LEU B 342 -12.10 -30.03 13.98
N VAL B 343 -12.33 -28.82 13.46
CA VAL B 343 -12.48 -28.64 12.02
C VAL B 343 -11.22 -29.09 11.29
N PHE B 344 -10.07 -28.61 11.74
CA PHE B 344 -8.85 -28.93 11.02
C PHE B 344 -8.23 -30.23 11.46
N SER B 345 -8.93 -31.01 12.30
CA SER B 345 -8.61 -32.42 12.51
C SER B 345 -9.26 -33.33 11.48
N LEU B 346 -10.13 -32.82 10.62
CA LEU B 346 -10.70 -33.62 9.56
C LEU B 346 -9.58 -33.98 8.58
N PRO B 347 -9.68 -35.13 7.91
CA PRO B 347 -8.63 -35.47 6.93
C PRO B 347 -8.54 -34.40 5.87
N ALA B 348 -7.29 -34.07 5.51
CA ALA B 348 -7.03 -33.09 4.48
C ALA B 348 -7.78 -33.39 3.19
N ALA B 349 -8.03 -34.67 2.89
CA ALA B 349 -8.71 -35.04 1.66
C ALA B 349 -10.13 -34.49 1.60
N TYR B 350 -10.76 -34.24 2.76
CA TYR B 350 -12.08 -33.63 2.74
C TYR B 350 -12.04 -32.20 2.19
N GLU B 351 -10.88 -31.54 2.26
CA GLU B 351 -10.72 -30.17 1.77
C GLU B 351 -11.66 -29.20 2.48
N VAL B 352 -11.82 -29.38 3.78
CA VAL B 352 -12.59 -28.42 4.58
C VAL B 352 -11.62 -27.35 5.06
N MET B 353 -11.79 -26.14 4.54
CA MET B 353 -10.98 -24.99 4.92
C MET B 353 -11.80 -23.83 5.48
N PHE B 354 -13.05 -23.67 5.03
CA PHE B 354 -13.85 -22.48 5.33
C PHE B 354 -15.08 -22.92 6.11
N TRP B 355 -15.30 -22.33 7.28
CA TRP B 355 -16.38 -22.75 8.17
C TRP B 355 -16.78 -21.54 9.01
N ARG B 356 -17.93 -21.65 9.67
CA ARG B 356 -18.35 -20.64 10.63
C ARG B 356 -19.28 -21.31 11.65
N ALA B 357 -19.41 -20.67 12.82
CA ALA B 357 -20.31 -21.24 13.83
C ALA B 357 -20.95 -20.13 14.65
N LYS B 358 -22.11 -20.45 15.20
CA LYS B 358 -22.85 -19.55 16.08
C LYS B 358 -23.27 -20.34 17.31
N ALA B 359 -22.88 -19.85 18.48
CA ALA B 359 -23.18 -20.51 19.76
C ALA B 359 -24.52 -20.00 20.26
N HIS B 360 -25.55 -20.83 20.18
CA HIS B 360 -26.84 -20.58 20.79
C HIS B 360 -26.86 -21.20 22.18
N PRO B 361 -27.71 -20.69 23.08
CA PRO B 361 -27.82 -21.31 24.42
C PRO B 361 -28.10 -22.80 24.39
N ASP B 362 -28.95 -23.26 23.48
CA ASP B 362 -29.31 -24.67 23.42
C ASP B 362 -28.51 -25.47 22.38
N VAL B 363 -27.70 -24.84 21.53
CA VAL B 363 -27.15 -25.58 20.38
C VAL B 363 -26.01 -24.83 19.71
N LEU B 364 -25.01 -25.57 19.23
CA LEU B 364 -23.94 -24.97 18.44
C LEU B 364 -24.26 -25.17 16.96
N HIS B 365 -24.40 -24.07 16.21
CA HIS B 365 -24.72 -24.10 14.79
C HIS B 365 -23.41 -23.97 14.03
N LEU B 366 -23.02 -25.02 13.29
CA LEU B 366 -21.76 -24.95 12.55
C LEU B 366 -22.02 -25.27 11.07
N GLN B 367 -21.42 -24.48 10.19
CA GLN B 367 -21.48 -24.66 8.75
C GLN B 367 -20.05 -24.70 8.20
N PHE B 368 -19.87 -25.42 7.10
CA PHE B 368 -18.60 -25.47 6.40
C PHE B 368 -18.90 -25.80 4.96
N GLU B 369 -18.02 -25.39 4.03
CA GLU B 369 -18.19 -25.79 2.64
C GLU B 369 -17.12 -26.83 2.28
N ALA B 370 -17.53 -27.84 1.50
CA ALA B 370 -16.66 -28.93 1.11
C ALA B 370 -17.17 -29.54 -0.19
N PRO B 371 -16.32 -30.28 -0.92
CA PRO B 371 -16.78 -30.96 -2.14
C PRO B 371 -17.86 -31.99 -1.85
N ASP B 372 -18.66 -32.28 -2.90
CA ASP B 372 -19.79 -33.19 -2.78
C ASP B 372 -19.40 -34.56 -2.26
N ALA B 373 -18.25 -35.09 -2.69
CA ALA B 373 -17.96 -36.50 -2.42
C ALA B 373 -17.83 -36.77 -0.93
N THR B 374 -17.28 -35.83 -0.17
CA THR B 374 -16.98 -36.07 1.24
C THR B 374 -17.76 -35.16 2.19
N ARG B 375 -18.73 -34.39 1.69
CA ARG B 375 -19.39 -33.40 2.54
C ARG B 375 -20.24 -34.03 3.62
N GLU B 376 -21.05 -35.05 3.27
CA GLU B 376 -21.90 -35.74 4.25
C GLU B 376 -21.08 -36.41 5.34
N GLN B 377 -20.04 -37.15 4.98
CA GLN B 377 -19.24 -37.85 5.99
C GLN B 377 -18.40 -36.88 6.79
N ALA B 378 -18.00 -35.74 6.21
CA ALA B 378 -17.33 -34.72 7.00
C ALA B 378 -18.24 -34.20 8.11
N ALA B 379 -19.53 -34.03 7.80
CA ALA B 379 -20.47 -33.47 8.77
C ALA B 379 -20.72 -34.43 9.93
N LYS B 380 -20.87 -35.73 9.64
CA LYS B 380 -21.05 -36.73 10.68
C LYS B 380 -19.81 -36.88 11.54
N GLU B 381 -18.63 -36.83 10.92
CA GLU B 381 -17.39 -36.95 11.68
C GLU B 381 -17.16 -35.73 12.56
N LEU B 382 -17.46 -34.55 12.04
CA LEU B 382 -17.35 -33.33 12.83
C LEU B 382 -18.36 -33.35 13.98
N GLY B 383 -19.57 -33.84 13.71
CA GLY B 383 -20.54 -33.99 14.78
C GLY B 383 -20.07 -34.93 15.87
N ALA B 384 -19.47 -36.06 15.48
CA ALA B 384 -19.02 -37.04 16.46
C ALA B 384 -17.84 -36.50 17.26
N ALA B 385 -16.96 -35.75 16.59
CA ALA B 385 -15.88 -35.08 17.30
C ALA B 385 -16.41 -34.12 18.35
N LEU B 386 -17.52 -33.45 18.07
CA LEU B 386 -18.09 -32.53 19.07
C LEU B 386 -18.67 -33.31 20.25
N ASP B 387 -19.44 -34.36 19.97
CA ASP B 387 -19.93 -35.21 21.05
C ASP B 387 -18.77 -35.71 21.90
N ARG B 388 -17.66 -36.05 21.26
CA ARG B 388 -16.54 -36.70 21.97
C ARG B 388 -15.77 -35.67 22.77
N GLU B 389 -15.49 -34.51 22.18
CA GLU B 389 -14.59 -33.56 22.81
C GLU B 389 -15.31 -32.52 23.65
N LEU B 390 -16.51 -32.11 23.26
CA LEU B 390 -17.22 -31.05 23.95
C LEU B 390 -18.57 -31.48 24.53
N GLY B 391 -19.21 -32.48 23.95
CA GLY B 391 -20.49 -32.94 24.46
C GLY B 391 -21.61 -31.91 24.40
N VAL B 392 -21.52 -30.97 23.46
CA VAL B 392 -22.55 -29.95 23.36
C VAL B 392 -23.50 -30.31 22.22
N PRO B 393 -24.80 -30.03 22.36
CA PRO B 393 -25.71 -30.23 21.24
C PRO B 393 -25.33 -29.35 20.06
N HIS B 394 -25.55 -29.87 18.85
CA HIS B 394 -25.04 -29.20 17.66
C HIS B 394 -25.94 -29.45 16.47
N ARG B 395 -25.90 -28.53 15.51
CA ARG B 395 -26.52 -28.72 14.20
C ARG B 395 -25.49 -28.31 13.15
N ILE B 396 -25.11 -29.24 12.29
CA ILE B 396 -24.05 -29.03 11.31
C ILE B 396 -24.64 -29.11 9.91
N GLU B 397 -24.30 -28.14 9.06
CA GLU B 397 -24.70 -28.16 7.66
C GLU B 397 -23.46 -28.08 6.79
N GLY B 398 -23.23 -29.16 6.02
CA GLY B 398 -22.32 -29.05 4.89
C GLY B 398 -22.95 -28.20 3.81
N LEU B 399 -22.15 -27.29 3.25
CA LEU B 399 -22.59 -26.33 2.24
C LEU B 399 -21.88 -26.57 0.93
N PRO B 400 -22.52 -26.24 -0.19
CA PRO B 400 -21.82 -26.33 -1.49
C PRO B 400 -20.63 -25.40 -1.51
N LEU B 401 -19.63 -25.77 -2.31
CA LEU B 401 -18.49 -24.89 -2.50
C LEU B 401 -18.98 -23.55 -3.01
N GLY B 402 -18.30 -22.48 -2.57
CA GLY B 402 -18.68 -21.13 -2.93
C GLY B 402 -19.73 -20.48 -2.07
N THR B 403 -20.34 -21.20 -1.12
CA THR B 403 -21.36 -20.60 -0.28
C THR B 403 -20.74 -19.60 0.71
N LEU B 404 -19.63 -19.99 1.35
CA LEU B 404 -18.96 -19.09 2.29
C LEU B 404 -17.92 -18.24 1.61
N VAL B 405 -17.28 -18.77 0.56
CA VAL B 405 -16.22 -18.06 -0.16
C VAL B 405 -16.62 -18.07 -1.63
N PRO B 406 -17.15 -16.96 -2.14
CA PRO B 406 -17.67 -16.97 -3.53
C PRO B 406 -16.59 -17.35 -4.53
N THR B 407 -16.98 -18.16 -5.50
CA THR B 407 -16.03 -18.56 -6.53
C THR B 407 -15.50 -17.37 -7.29
N GLU B 408 -16.33 -16.35 -7.53
CA GLU B 408 -15.88 -15.17 -8.27
C GLU B 408 -14.71 -14.51 -7.58
N ALA B 409 -14.73 -14.46 -6.24
CA ALA B 409 -13.61 -13.89 -5.48
C ALA B 409 -12.29 -14.55 -5.82
N LEU B 410 -12.31 -15.86 -6.12
CA LEU B 410 -11.09 -16.59 -6.43
C LEU B 410 -10.61 -16.36 -7.85
N THR B 411 -11.49 -15.98 -8.78
CA THR B 411 -11.13 -15.87 -10.18
C THR B 411 -11.24 -14.46 -10.74
N ALA B 412 -11.99 -13.57 -10.11
CA ALA B 412 -12.19 -12.23 -10.64
C ALA B 412 -10.85 -11.59 -10.98
N ARG B 413 -10.77 -11.02 -12.18
CA ARG B 413 -9.71 -10.10 -12.53
C ARG B 413 -10.25 -8.68 -12.42
N ARG B 414 -9.42 -7.77 -11.91
CA ARG B 414 -9.85 -6.38 -11.85
C ARG B 414 -8.61 -5.49 -11.83
N ASP B 415 -8.65 -4.43 -12.61
CA ASP B 415 -7.53 -3.52 -12.83
C ASP B 415 -7.94 -2.11 -12.45
N ILE B 416 -6.94 -1.31 -12.12
CA ILE B 416 -7.13 0.13 -11.96
C ILE B 416 -7.11 0.76 -13.35
N LEU B 417 -8.22 1.39 -13.74
CA LEU B 417 -8.26 2.09 -15.03
C LEU B 417 -8.37 3.57 -14.80
N LYS B 418 -7.64 4.31 -15.62
CA LYS B 418 -7.62 5.75 -15.49
C LYS B 418 -9.02 6.30 -15.74
N ALA B 419 -9.44 7.17 -14.84
CA ALA B 419 -10.68 7.92 -15.00
C ALA B 419 -10.78 8.47 -16.42
N ARG B 420 -11.98 8.34 -16.98
CA ARG B 420 -12.27 8.79 -18.32
C ARG B 420 -13.50 9.68 -18.24
N TYR B 421 -13.55 10.66 -19.11
CA TYR B 421 -14.66 11.61 -19.07
C TYR B 421 -15.40 11.69 -20.39
N LEU B 422 -14.69 11.65 -21.51
CA LEU B 422 -15.31 11.69 -22.83
C LEU B 422 -15.27 10.27 -23.40
N PHE B 423 -16.43 9.73 -23.77
CA PHE B 423 -16.57 8.38 -24.27
C PHE B 423 -17.00 8.37 -25.73
N ALA B 424 -16.64 7.30 -26.43
CA ALA B 424 -17.13 7.07 -27.78
C ALA B 424 -18.39 6.20 -27.74
N GLU B 425 -19.12 6.18 -28.86
CA GLU B 425 -20.20 5.21 -29.00
C GLU B 425 -19.63 3.80 -28.86
N GLY B 426 -20.32 2.94 -28.11
CA GLY B 426 -19.84 1.62 -27.80
C GLY B 426 -19.08 1.49 -26.50
N GLU B 427 -18.80 2.61 -25.82
CA GLU B 427 -18.17 2.61 -24.51
C GLU B 427 -19.19 3.01 -23.45
N ASP B 428 -19.21 2.25 -22.35
CA ASP B 428 -20.14 2.48 -21.24
C ASP B 428 -19.68 3.68 -20.43
N TRP B 429 -20.38 4.83 -20.57
CA TRP B 429 -20.00 5.99 -19.79
C TRP B 429 -20.44 5.91 -18.33
N ASP B 430 -21.10 4.81 -17.93
CA ASP B 430 -21.29 4.57 -16.51
C ASP B 430 -19.98 4.25 -15.79
N LYS B 431 -18.90 4.01 -16.54
CA LYS B 431 -17.58 3.90 -15.92
C LYS B 431 -17.00 5.24 -15.48
N ALA B 432 -17.68 6.35 -15.76
CA ALA B 432 -17.32 7.64 -15.17
C ALA B 432 -17.89 7.81 -13.77
N ILE B 433 -18.74 6.88 -13.31
CA ILE B 433 -19.28 6.92 -11.96
C ILE B 433 -18.16 6.59 -10.98
N MET B 434 -17.83 7.55 -10.11
CA MET B 434 -16.60 7.53 -9.34
C MET B 434 -16.82 7.03 -7.93
N TYR B 435 -15.91 6.17 -7.47
CA TYR B 435 -15.84 5.70 -6.09
C TYR B 435 -14.42 5.88 -5.58
N PHE B 436 -14.23 5.66 -4.28
CA PHE B 436 -12.92 5.80 -3.61
C PHE B 436 -12.31 7.18 -3.85
#